data_4ICS
#
_entry.id   4ICS
#
_cell.length_a   126.365
_cell.length_b   126.365
_cell.length_c   139.328
_cell.angle_alpha   90.00
_cell.angle_beta   90.00
_cell.angle_gamma   90.00
#
_symmetry.space_group_name_H-M   'P 43 21 2'
#
loop_
_entity.id
_entity.type
_entity.pdbx_description
1 polymer 'Aminopeptidase PepS'
2 non-polymer 'ZINC ION'
3 non-polymer TRYPTOPHAN
4 non-polymer GLYCINE
5 water water
#
_entity_poly.entity_id   1
_entity_poly.type   'polypeptide(L)'
_entity_poly.pdbx_seq_one_letter_code
;MVLPNFKENLEKYAKLLVANGINVQPGHTLALSIDVEQRELAHLIVKEAYALGAHEVIVQWTDDVINREKFLHAPMERLD
NVPEYKIAEMNYLLENKASRLGVRSSDPGALNGVDADKLSASAKAMGLAMKPMRIATQSNKVSWTVAAAAGLEWAKKVFP
NAASDEEAVDFLWDQIFKTCRVYEADPVKAWEEHAAILKSKADMLNKEQFSALHYTAPGTDLTLGLPKNHVWESAGAVNA
QGEEFLPNMPTEEVFTAPDFRRADGYVTSTKPLSYNGNIIEGIKVTFKDGQIVDITAEKGDQVMKDLVFENAGARALGEC
ALVPDPSPISQSGITFFNTLFDDNASNHLAIGAAYATSVVDGAEMSEEELEAAGLNRSDVHVDFMIGSNQMDIDGIREDG
TRVPLFRNGNWAN
;
_entity_poly.pdbx_strand_id   A,B
#
loop_
_chem_comp.id
_chem_comp.type
_chem_comp.name
_chem_comp.formula
ZN non-polymer 'ZINC ION' 'Zn 2'
#
# COMPACT_ATOMS: atom_id res chain seq x y z
N MET A 1 1.06 32.03 -0.95
CA MET A 1 0.71 33.12 0.02
C MET A 1 -0.24 32.62 1.11
N VAL A 2 -1.04 31.60 0.78
CA VAL A 2 -1.97 31.06 1.77
C VAL A 2 -1.19 30.25 2.79
N LEU A 3 -0.15 29.54 2.30
CA LEU A 3 0.53 28.53 3.09
C LEU A 3 2.04 28.56 2.87
N PRO A 4 2.74 29.50 3.53
CA PRO A 4 4.19 29.61 3.39
C PRO A 4 4.92 28.56 4.24
N ASN A 5 6.13 28.20 3.80
CA ASN A 5 6.94 27.23 4.53
C ASN A 5 6.18 25.90 4.64
N PHE A 6 5.49 25.50 3.58
CA PHE A 6 4.73 24.25 3.63
C PHE A 6 5.61 23.05 4.03
N LYS A 7 6.72 22.82 3.33
CA LYS A 7 7.57 21.65 3.63
C LYS A 7 8.03 21.63 5.08
N GLU A 8 8.38 22.80 5.61
CA GLU A 8 8.84 22.93 6.99
C GLU A 8 7.73 22.57 7.97
N ASN A 9 6.56 23.10 7.68
CA ASN A 9 5.41 22.85 8.53
C ASN A 9 4.92 21.39 8.47
N LEU A 10 5.00 20.79 7.28
CA LEU A 10 4.65 19.39 7.11
C LEU A 10 5.59 18.53 7.96
N GLU A 11 6.86 18.84 7.99
CA GLU A 11 7.75 18.01 8.77
C GLU A 11 7.47 18.20 10.25
N LYS A 12 7.17 19.44 10.62
CA LYS A 12 6.86 19.73 12.00
C LYS A 12 5.58 18.98 12.39
N TYR A 13 4.64 18.89 11.47
CA TYR A 13 3.40 18.16 11.75
C TYR A 13 3.69 16.66 11.93
N ALA A 14 4.42 16.08 10.97
CA ALA A 14 4.84 14.70 11.09
C ALA A 14 5.43 14.40 12.46
N LYS A 15 6.35 15.27 12.92
CA LYS A 15 7.04 15.08 14.20
C LYS A 15 6.04 15.04 15.38
N LEU A 16 5.10 15.96 15.34
CA LEU A 16 4.08 16.07 16.35
C LEU A 16 3.25 14.81 16.38
N LEU A 17 2.82 14.34 15.20
CA LEU A 17 1.95 13.16 15.16
C LEU A 17 2.66 11.97 15.81
N VAL A 18 3.96 11.84 15.56
CA VAL A 18 4.70 10.68 16.03
C VAL A 18 5.19 10.83 17.46
N ALA A 19 5.71 12.01 17.79
CA ALA A 19 6.26 12.25 19.13
C ALA A 19 5.17 12.48 20.19
N ASN A 20 4.13 13.21 19.84
CA ASN A 20 3.10 13.59 20.82
C ASN A 20 1.73 12.91 20.61
N GLY A 21 1.36 12.64 19.36
CA GLY A 21 0.13 11.93 19.10
C GLY A 21 0.26 10.48 19.57
N ILE A 22 1.08 9.72 18.84
CA ILE A 22 1.33 8.32 19.13
C ILE A 22 2.34 8.12 20.26
N ASN A 23 3.28 9.06 20.39
CA ASN A 23 4.32 8.90 21.39
C ASN A 23 5.13 7.61 21.19
N VAL A 24 5.82 7.55 20.06
CA VAL A 24 6.69 6.42 19.78
C VAL A 24 7.83 6.31 20.82
N GLN A 25 8.01 5.09 21.34
CA GLN A 25 9.10 4.74 22.30
C GLN A 25 10.07 3.69 21.66
N PRO A 26 11.36 3.65 22.10
CA PRO A 26 12.27 2.59 21.61
C PRO A 26 11.65 1.20 21.68
N GLY A 27 11.79 0.43 20.62
CA GLY A 27 11.24 -0.93 20.66
C GLY A 27 9.84 -1.06 20.09
N HIS A 28 9.15 0.07 19.87
CA HIS A 28 7.76 0.02 19.40
C HIS A 28 7.60 -0.42 17.94
N THR A 29 6.43 -0.98 17.63
CA THR A 29 6.00 -1.19 16.26
C THR A 29 4.92 -0.13 16.01
N LEU A 30 5.04 0.60 14.92
CA LEU A 30 4.03 1.59 14.55
C LEU A 30 3.27 1.10 13.30
N ALA A 31 1.94 1.07 13.36
CA ALA A 31 1.11 0.82 12.19
C ALA A 31 0.55 2.18 11.69
N LEU A 32 0.93 2.57 10.48
CA LEU A 32 0.51 3.84 9.90
C LEU A 32 -0.46 3.51 8.79
N SER A 33 -1.69 3.98 8.93
CA SER A 33 -2.66 3.91 7.88
C SER A 33 -2.83 5.26 7.17
N ILE A 34 -2.58 5.30 5.88
CA ILE A 34 -2.39 6.57 5.15
C ILE A 34 -2.62 6.41 3.65
N ASP A 35 -3.21 7.45 2.99
CA ASP A 35 -3.49 7.36 1.57
C ASP A 35 -2.19 7.55 0.78
N VAL A 36 -2.11 6.83 -0.33
CA VAL A 36 -0.94 6.92 -1.20
C VAL A 36 -0.69 8.32 -1.66
N GLU A 37 -1.75 9.11 -1.77
CA GLU A 37 -1.57 10.49 -2.24
C GLU A 37 -0.76 11.28 -1.23
N GLN A 38 -0.76 10.81 0.02
CA GLN A 38 -0.02 11.44 1.10
C GLN A 38 1.38 10.84 1.29
N ARG A 39 2.01 10.32 0.25
CA ARG A 39 3.30 9.70 0.43
C ARG A 39 4.33 10.65 1.04
N GLU A 40 4.27 11.95 0.75
CA GLU A 40 5.29 12.89 1.27
C GLU A 40 5.19 12.89 2.78
N LEU A 41 3.97 13.03 3.30
CA LEU A 41 3.79 13.00 4.76
C LEU A 41 4.17 11.67 5.33
N ALA A 42 3.82 10.57 4.65
CA ALA A 42 4.12 9.23 5.13
C ALA A 42 5.63 9.10 5.38
N HIS A 43 6.44 9.59 4.43
CA HIS A 43 7.92 9.49 4.52
C HIS A 43 8.42 10.14 5.78
N LEU A 44 7.92 11.35 6.02
CA LEU A 44 8.29 12.14 7.17
C LEU A 44 7.90 11.43 8.44
N ILE A 45 6.66 10.91 8.50
CA ILE A 45 6.23 10.15 9.68
C ILE A 45 7.13 8.94 9.95
N VAL A 46 7.37 8.16 8.91
CA VAL A 46 8.16 6.96 9.06
C VAL A 46 9.59 7.32 9.47
N LYS A 47 10.17 8.33 8.84
CA LYS A 47 11.51 8.79 9.29
C LYS A 47 11.54 9.13 10.78
N GLU A 48 10.58 9.92 11.25
CA GLU A 48 10.59 10.29 12.68
C GLU A 48 10.32 9.11 13.63
N ALA A 49 9.45 8.18 13.23
CA ALA A 49 9.18 7.01 14.04
C ALA A 49 10.48 6.24 14.29
N TYR A 50 11.25 6.03 13.25
CA TYR A 50 12.53 5.31 13.45
C TYR A 50 13.51 6.18 14.22
N ALA A 51 13.55 7.48 13.90
CA ALA A 51 14.42 8.38 14.72
C ALA A 51 14.16 8.26 16.23
N LEU A 52 12.90 8.00 16.62
CA LEU A 52 12.52 7.92 18.03
C LEU A 52 12.64 6.50 18.59
N GLY A 53 13.16 5.59 17.79
CA GLY A 53 13.54 4.26 18.27
C GLY A 53 12.60 3.12 17.91
N ALA A 54 11.57 3.37 17.09
CA ALA A 54 10.70 2.26 16.63
C ALA A 54 11.54 1.13 16.05
N HIS A 55 11.14 -0.09 16.28
CA HIS A 55 11.78 -1.24 15.64
C HIS A 55 11.19 -1.54 14.27
N GLU A 56 9.98 -1.05 14.01
CA GLU A 56 9.30 -1.34 12.75
C GLU A 56 8.08 -0.44 12.54
N VAL A 57 7.97 0.10 11.33
CA VAL A 57 6.79 0.84 10.94
C VAL A 57 6.18 -0.01 9.82
N ILE A 58 4.93 -0.38 9.96
CA ILE A 58 4.22 -1.02 8.88
C ILE A 58 3.23 0.00 8.32
N VAL A 59 3.25 0.19 7.01
CA VAL A 59 2.37 1.16 6.43
C VAL A 59 1.28 0.40 5.72
N GLN A 60 0.03 0.72 6.06
CA GLN A 60 -1.15 0.24 5.35
C GLN A 60 -1.62 1.37 4.44
N TRP A 61 -1.27 1.27 3.16
CA TRP A 61 -1.58 2.30 2.20
C TRP A 61 -3.04 2.17 1.76
N THR A 62 -3.76 3.29 1.72
CA THR A 62 -5.15 3.27 1.23
C THR A 62 -5.26 4.06 -0.05
N ASP A 63 -6.33 3.82 -0.81
CA ASP A 63 -6.53 4.56 -2.02
C ASP A 63 -7.99 4.56 -2.36
N ASP A 64 -8.59 5.76 -2.43
CA ASP A 64 -10.04 5.86 -2.67
C ASP A 64 -10.45 5.35 -4.06
N VAL A 65 -9.63 5.66 -5.05
CA VAL A 65 -10.04 5.33 -6.41
C VAL A 65 -10.13 3.84 -6.58
N ILE A 66 -9.14 3.16 -6.01
CA ILE A 66 -9.03 1.71 -6.13
C ILE A 66 -10.08 1.00 -5.25
N ASN A 67 -10.36 1.57 -4.08
CA ASN A 67 -11.44 1.03 -3.26
C ASN A 67 -12.81 1.16 -3.97
N ARG A 68 -13.04 2.30 -4.63
CA ARG A 68 -14.31 2.52 -5.30
C ARG A 68 -14.46 1.54 -6.47
N GLU A 69 -13.36 1.30 -7.20
CA GLU A 69 -13.39 0.35 -8.30
C GLU A 69 -13.79 -1.04 -7.81
N LYS A 70 -13.20 -1.47 -6.70
CA LYS A 70 -13.58 -2.78 -6.13
C LYS A 70 -15.10 -2.82 -5.78
N PHE A 71 -15.60 -1.76 -5.16
CA PHE A 71 -17.00 -1.75 -4.70
C PHE A 71 -17.91 -1.71 -5.88
N LEU A 72 -17.53 -0.98 -6.92
CA LEU A 72 -18.37 -0.90 -8.10
C LEU A 72 -18.40 -2.19 -8.88
N HIS A 73 -17.27 -2.91 -8.90
CA HIS A 73 -17.11 -4.01 -9.84
C HIS A 73 -16.94 -5.41 -9.28
N ALA A 74 -16.39 -5.57 -8.07
CA ALA A 74 -16.24 -6.92 -7.58
C ALA A 74 -17.60 -7.53 -7.18
N PRO A 75 -17.74 -8.86 -7.32
CA PRO A 75 -19.01 -9.49 -6.86
C PRO A 75 -19.15 -9.44 -5.35
N MET A 76 -20.38 -9.55 -4.87
CA MET A 76 -20.60 -9.56 -3.42
C MET A 76 -19.65 -10.51 -2.68
N GLU A 77 -19.32 -11.64 -3.29
CA GLU A 77 -18.51 -12.67 -2.65
C GLU A 77 -17.10 -12.20 -2.27
N ARG A 78 -16.63 -11.13 -2.89
CA ARG A 78 -15.31 -10.61 -2.55
C ARG A 78 -15.46 -9.45 -1.59
N LEU A 79 -16.71 -9.00 -1.41
CA LEU A 79 -17.00 -7.83 -0.59
C LEU A 79 -17.56 -8.16 0.80
N ASP A 80 -18.26 -9.28 0.92
CA ASP A 80 -19.04 -9.53 2.14
C ASP A 80 -18.29 -10.47 3.08
N ASN A 81 -16.99 -10.58 2.92
CA ASN A 81 -16.25 -11.33 3.93
C ASN A 81 -14.81 -10.89 3.87
N VAL A 82 -14.04 -11.16 4.92
CA VAL A 82 -12.69 -10.68 5.02
C VAL A 82 -11.73 -11.84 4.88
N PRO A 83 -10.86 -11.78 3.86
CA PRO A 83 -9.90 -12.87 3.72
C PRO A 83 -9.01 -13.02 4.96
N GLU A 84 -8.65 -14.27 5.22
CA GLU A 84 -7.76 -14.61 6.31
C GLU A 84 -6.50 -13.78 6.46
N TYR A 85 -5.81 -13.53 5.36
CA TYR A 85 -4.54 -12.82 5.48
C TYR A 85 -4.68 -11.44 6.08
N LYS A 86 -5.84 -10.80 5.91
CA LYS A 86 -6.08 -9.48 6.53
C LYS A 86 -6.23 -9.61 8.04
N ILE A 87 -6.90 -10.68 8.46
CA ILE A 87 -6.97 -11.02 9.87
C ILE A 87 -5.57 -11.33 10.41
N ALA A 88 -4.76 -12.06 9.64
CA ALA A 88 -3.38 -12.35 10.07
C ALA A 88 -2.53 -11.10 10.24
N GLU A 89 -2.67 -10.13 9.32
CA GLU A 89 -1.92 -8.86 9.49
C GLU A 89 -2.41 -8.16 10.76
N MET A 90 -3.73 -8.19 10.98
CA MET A 90 -4.20 -7.50 12.19
C MET A 90 -3.58 -8.14 13.45
N ASN A 91 -3.57 -9.46 13.47
CA ASN A 91 -2.99 -10.22 14.59
C ASN A 91 -1.50 -9.97 14.81
N TYR A 92 -0.73 -9.84 13.72
CA TYR A 92 0.70 -9.46 13.85
C TYR A 92 0.87 -8.14 14.56
N LEU A 93 0.04 -7.18 14.20
CA LEU A 93 0.04 -5.90 14.89
C LEU A 93 -0.33 -6.05 16.36
N LEU A 94 -1.39 -6.80 16.63
CA LEU A 94 -1.81 -6.97 18.03
C LEU A 94 -0.71 -7.58 18.87
N GLU A 95 -0.14 -8.65 18.34
CA GLU A 95 0.93 -9.41 18.99
C GLU A 95 2.16 -8.53 19.28
N ASN A 96 2.34 -7.51 18.47
CA ASN A 96 3.47 -6.62 18.63
C ASN A 96 3.12 -5.33 19.38
N LYS A 97 1.92 -5.30 19.97
CA LYS A 97 1.40 -4.10 20.65
C LYS A 97 1.61 -2.85 19.79
N ALA A 98 1.30 -2.98 18.50
CA ALA A 98 1.45 -1.89 17.55
C ALA A 98 0.59 -0.67 17.91
N SER A 99 1.20 0.50 17.96
CA SER A 99 0.47 1.76 17.97
C SER A 99 -0.17 1.95 16.60
N ARG A 100 -1.34 2.58 16.56
CA ARG A 100 -2.08 2.75 15.32
C ARG A 100 -2.26 4.26 15.06
N LEU A 101 -1.52 4.75 14.08
CA LEU A 101 -1.66 6.13 13.61
C LEU A 101 -2.48 6.12 12.33
N GLY A 102 -3.71 6.64 12.37
CA GLY A 102 -4.55 6.73 11.16
C GLY A 102 -4.63 8.15 10.61
N VAL A 103 -4.04 8.41 9.45
CA VAL A 103 -4.10 9.73 8.89
C VAL A 103 -5.16 9.70 7.78
N ARG A 104 -6.26 10.42 7.97
CA ARG A 104 -7.44 10.35 7.06
C ARG A 104 -7.44 11.54 6.10
N SER A 105 -7.61 11.24 4.82
CA SER A 105 -7.60 12.24 3.76
C SER A 105 -8.67 11.93 2.72
N SER A 106 -9.57 11.01 3.05
CA SER A 106 -10.48 10.46 2.02
C SER A 106 -11.47 11.46 1.53
N ASP A 107 -11.90 11.27 0.29
CA ASP A 107 -13.00 11.99 -0.31
C ASP A 107 -14.26 11.57 0.44
N PRO A 108 -14.95 12.52 1.08
CA PRO A 108 -16.19 12.26 1.82
C PRO A 108 -17.23 11.46 0.98
N GLY A 109 -17.25 11.66 -0.33
CA GLY A 109 -18.19 10.93 -1.21
C GLY A 109 -17.47 9.90 -2.08
N ALA A 110 -16.38 9.34 -1.57
CA ALA A 110 -15.54 8.39 -2.33
C ALA A 110 -16.36 7.23 -2.93
N LEU A 111 -17.47 6.87 -2.27
CA LEU A 111 -18.21 5.67 -2.67
C LEU A 111 -19.64 5.95 -3.11
N ASN A 112 -19.90 7.18 -3.50
CA ASN A 112 -21.20 7.54 -4.03
C ASN A 112 -21.53 6.66 -5.22
N GLY A 113 -22.78 6.21 -5.30
CA GLY A 113 -23.16 5.39 -6.45
C GLY A 113 -22.80 3.91 -6.29
N VAL A 114 -22.14 3.55 -5.20
CA VAL A 114 -21.95 2.12 -4.89
C VAL A 114 -23.29 1.53 -4.39
N ASP A 115 -23.60 0.29 -4.74
CA ASP A 115 -24.82 -0.37 -4.26
C ASP A 115 -24.85 -0.37 -2.74
N ALA A 116 -25.97 0.03 -2.16
CA ALA A 116 -26.06 0.14 -0.72
C ALA A 116 -25.82 -1.19 0.01
N ASP A 117 -26.28 -2.27 -0.59
CA ASP A 117 -26.16 -3.57 0.05
C ASP A 117 -24.68 -4.03 0.09
N LYS A 118 -23.91 -3.58 -0.90
CA LYS A 118 -22.47 -3.87 -0.87
C LYS A 118 -21.76 -3.10 0.22
N LEU A 119 -22.03 -1.81 0.33
CA LEU A 119 -21.42 -1.02 1.41
C LEU A 119 -21.76 -1.67 2.77
N SER A 120 -23.01 -2.04 2.91
CA SER A 120 -23.48 -2.56 4.20
C SER A 120 -22.77 -3.88 4.50
N ALA A 121 -22.70 -4.78 3.52
CA ALA A 121 -22.16 -6.10 3.81
C ALA A 121 -20.65 -6.03 4.14
N SER A 122 -19.94 -5.17 3.42
CA SER A 122 -18.51 -4.96 3.66
C SER A 122 -18.27 -4.42 5.07
N ALA A 123 -19.03 -3.40 5.44
CA ALA A 123 -18.81 -2.73 6.73
C ALA A 123 -19.09 -3.71 7.85
N LYS A 124 -20.13 -4.50 7.65
CA LYS A 124 -20.44 -5.52 8.66
C LYS A 124 -19.35 -6.55 8.79
N ALA A 125 -18.88 -7.07 7.65
CA ALA A 125 -17.87 -8.12 7.66
C ALA A 125 -16.56 -7.58 8.29
N MET A 126 -16.16 -6.37 7.89
CA MET A 126 -14.95 -5.76 8.45
C MET A 126 -15.09 -5.46 9.94
N GLY A 127 -16.27 -4.93 10.34
CA GLY A 127 -16.50 -4.62 11.75
C GLY A 127 -16.32 -5.87 12.59
N LEU A 128 -16.80 -7.01 12.09
CA LEU A 128 -16.70 -8.24 12.85
C LEU A 128 -15.23 -8.75 12.84
N ALA A 129 -14.59 -8.74 11.68
CA ALA A 129 -13.24 -9.30 11.57
C ALA A 129 -12.17 -8.48 12.31
N MET A 130 -12.34 -7.16 12.30
CA MET A 130 -11.39 -6.26 12.93
C MET A 130 -11.70 -5.98 14.41
N LYS A 131 -12.73 -6.62 14.97
CA LYS A 131 -13.08 -6.33 16.35
C LYS A 131 -11.91 -6.43 17.35
N PRO A 132 -11.03 -7.42 17.21
CA PRO A 132 -9.97 -7.43 18.22
C PRO A 132 -9.15 -6.14 18.26
N MET A 133 -8.90 -5.56 17.10
CA MET A 133 -8.16 -4.30 17.03
C MET A 133 -8.99 -3.15 17.63
N ARG A 134 -10.28 -3.12 17.33
CA ARG A 134 -11.10 -2.03 17.84
C ARG A 134 -11.27 -2.11 19.34
N ILE A 135 -11.49 -3.31 19.84
CA ILE A 135 -11.52 -3.50 21.25
C ILE A 135 -10.21 -3.05 21.92
N ALA A 136 -9.07 -3.42 21.36
CA ALA A 136 -7.80 -3.07 22.01
C ALA A 136 -7.59 -1.57 22.01
N THR A 137 -8.00 -0.95 20.93
CA THR A 137 -7.81 0.48 20.78
C THR A 137 -8.88 1.28 21.63
N GLN A 138 -10.13 0.85 21.58
CA GLN A 138 -11.21 1.46 22.42
C GLN A 138 -10.94 1.35 23.94
N SER A 139 -9.98 0.52 24.32
CA SER A 139 -9.57 0.43 25.71
C SER A 139 -8.15 0.91 25.94
N ASN A 140 -7.62 1.68 25.01
CA ASN A 140 -6.26 2.23 25.18
C ASN A 140 -5.17 1.18 25.55
N LYS A 141 -5.32 -0.04 25.09
CA LYS A 141 -4.27 -1.05 25.27
C LYS A 141 -2.99 -0.73 24.45
N VAL A 142 -3.17 0.02 23.36
CA VAL A 142 -2.05 0.58 22.61
C VAL A 142 -2.36 2.08 22.42
N SER A 143 -1.33 2.90 22.23
CA SER A 143 -1.55 4.24 21.70
C SER A 143 -2.18 4.19 20.31
N TRP A 144 -3.04 5.16 20.04
CA TRP A 144 -3.60 5.32 18.73
C TRP A 144 -3.92 6.79 18.52
N THR A 145 -3.83 7.22 17.28
CA THR A 145 -4.11 8.64 16.88
C THR A 145 -4.89 8.63 15.59
N VAL A 146 -5.96 9.42 15.54
CA VAL A 146 -6.63 9.74 14.31
C VAL A 146 -6.31 11.21 14.00
N ALA A 147 -5.76 11.45 12.82
CA ALA A 147 -5.41 12.79 12.37
C ALA A 147 -5.68 12.88 10.89
N ALA A 148 -5.52 14.07 10.30
CA ALA A 148 -5.88 14.28 8.88
C ALA A 148 -4.71 14.73 7.98
N ALA A 149 -4.91 14.63 6.66
CA ALA A 149 -4.03 15.21 5.70
C ALA A 149 -4.90 15.77 4.60
N ALA A 150 -4.43 16.79 3.88
CA ALA A 150 -5.30 17.50 2.95
C ALA A 150 -5.41 16.79 1.60
N GLY A 151 -6.28 15.79 1.47
CA GLY A 151 -6.46 15.13 0.18
C GLY A 151 -7.15 16.08 -0.82
N LEU A 152 -6.84 15.95 -2.10
CA LEU A 152 -7.41 16.87 -3.09
C LEU A 152 -8.93 16.78 -3.18
N GLU A 153 -9.49 15.58 -3.39
CA GLU A 153 -10.98 15.48 -3.55
C GLU A 153 -11.67 15.96 -2.29
N TRP A 154 -11.10 15.65 -1.12
CA TRP A 154 -11.70 16.19 0.13
C TRP A 154 -11.61 17.75 0.15
N ALA A 155 -10.43 18.30 -0.12
CA ALA A 155 -10.29 19.79 -0.13
C ALA A 155 -11.27 20.46 -1.08
N LYS A 156 -11.47 19.87 -2.26
CA LYS A 156 -12.40 20.48 -3.24
C LYS A 156 -13.83 20.54 -2.65
N LYS A 157 -14.19 19.54 -1.86
CA LYS A 157 -15.52 19.53 -1.28
C LYS A 157 -15.58 20.52 -0.11
N VAL A 158 -14.52 20.65 0.66
CA VAL A 158 -14.56 21.56 1.81
C VAL A 158 -14.58 22.98 1.28
N PHE A 159 -13.88 23.23 0.20
CA PHE A 159 -13.71 24.61 -0.30
C PHE A 159 -14.18 24.72 -1.74
N PRO A 160 -15.52 24.64 -1.98
CA PRO A 160 -15.95 24.55 -3.38
C PRO A 160 -15.71 25.84 -4.13
N ASN A 161 -15.54 26.95 -3.42
CA ASN A 161 -15.20 28.24 -4.04
C ASN A 161 -13.73 28.55 -4.25
N ALA A 162 -12.87 27.58 -3.97
CA ALA A 162 -11.43 27.79 -4.05
C ALA A 162 -11.11 28.27 -5.45
N ALA A 163 -10.11 29.17 -5.58
CA ALA A 163 -9.69 29.65 -6.89
C ALA A 163 -9.12 28.56 -7.80
N SER A 164 -8.57 27.53 -7.19
CA SER A 164 -7.86 26.46 -7.93
C SER A 164 -7.77 25.29 -6.96
N ASP A 165 -7.52 24.09 -7.50
CA ASP A 165 -7.22 22.92 -6.65
C ASP A 165 -6.12 23.17 -5.63
N GLU A 166 -5.06 23.84 -6.09
CA GLU A 166 -3.93 24.11 -5.22
C GLU A 166 -4.40 24.95 -4.02
N GLU A 167 -5.21 25.97 -4.30
CA GLU A 167 -5.66 26.83 -3.22
C GLU A 167 -6.53 26.05 -2.22
N ALA A 168 -7.41 25.16 -2.71
CA ALA A 168 -8.29 24.37 -1.84
C ALA A 168 -7.47 23.53 -0.93
N VAL A 169 -6.49 22.86 -1.52
CA VAL A 169 -5.59 22.04 -0.73
C VAL A 169 -4.81 22.88 0.29
N ASP A 170 -4.35 24.06 -0.11
CA ASP A 170 -3.61 24.88 0.87
C ASP A 170 -4.51 25.30 2.02
N PHE A 171 -5.73 25.67 1.69
CA PHE A 171 -6.65 26.07 2.76
C PHE A 171 -6.91 24.95 3.76
N LEU A 172 -6.94 23.73 3.27
CA LEU A 172 -7.22 22.58 4.11
C LEU A 172 -6.00 22.26 4.95
N TRP A 173 -4.81 22.23 4.35
CA TRP A 173 -3.60 22.05 5.18
C TRP A 173 -3.50 23.13 6.24
N ASP A 174 -3.80 24.38 5.86
CA ASP A 174 -3.74 25.47 6.84
C ASP A 174 -4.62 25.19 8.07
N GLN A 175 -5.85 24.71 7.85
CA GLN A 175 -6.69 24.31 8.97
C GLN A 175 -6.10 23.16 9.78
N ILE A 176 -5.58 22.16 9.09
CA ILE A 176 -4.98 21.04 9.81
C ILE A 176 -3.78 21.55 10.65
N PHE A 177 -2.90 22.33 10.06
CA PHE A 177 -1.73 22.83 10.82
C PHE A 177 -2.19 23.73 11.96
N LYS A 178 -3.12 24.64 11.68
CA LYS A 178 -3.53 25.59 12.75
C LYS A 178 -4.10 24.85 13.93
N THR A 179 -5.10 24.01 13.65
CA THR A 179 -5.82 23.27 14.71
C THR A 179 -4.92 22.26 15.46
N CYS A 180 -3.85 21.80 14.81
CA CYS A 180 -2.98 20.84 15.48
C CYS A 180 -1.76 21.57 16.13
N ARG A 181 -1.83 22.91 16.16
CA ARG A 181 -0.82 23.75 16.87
C ARG A 181 0.58 23.77 16.22
N VAL A 182 0.62 23.43 14.93
CA VAL A 182 1.91 23.31 14.25
C VAL A 182 2.59 24.69 14.14
N TYR A 183 1.80 25.74 14.06
CA TYR A 183 2.31 27.10 13.90
C TYR A 183 2.89 27.70 15.17
N GLU A 184 2.54 27.13 16.34
CA GLU A 184 3.07 27.59 17.63
C GLU A 184 4.57 27.41 17.69
N ALA A 185 5.26 28.34 18.34
CA ALA A 185 6.70 28.17 18.59
C ALA A 185 7.00 26.88 19.37
N ASP A 186 6.16 26.56 20.35
CA ASP A 186 6.31 25.38 21.17
C ASP A 186 4.97 24.61 21.12
N PRO A 187 4.77 23.78 20.09
CA PRO A 187 3.48 23.06 19.93
C PRO A 187 3.18 22.17 21.12
N VAL A 188 4.22 21.62 21.75
CA VAL A 188 4.01 20.68 22.83
C VAL A 188 3.42 21.39 24.04
N LYS A 189 3.99 22.54 24.36
CA LYS A 189 3.49 23.35 25.47
C LYS A 189 2.05 23.82 25.16
N ALA A 190 1.83 24.20 23.91
CA ALA A 190 0.52 24.68 23.47
C ALA A 190 -0.52 23.56 23.62
N TRP A 191 -0.16 22.36 23.20
CA TRP A 191 -0.99 21.19 23.45
C TRP A 191 -1.22 20.95 24.92
N GLU A 192 -0.16 21.08 25.71
CA GLU A 192 -0.29 20.87 27.14
C GLU A 192 -1.26 21.84 27.76
N GLU A 193 -1.19 23.14 27.40
CA GLU A 193 -2.11 24.13 27.96
C GLU A 193 -3.54 23.86 27.45
N HIS A 194 -3.66 23.47 26.17
CA HIS A 194 -4.99 23.19 25.60
C HIS A 194 -5.64 22.05 26.38
N ALA A 195 -4.89 20.96 26.58
CA ALA A 195 -5.42 19.81 27.34
C ALA A 195 -5.79 20.20 28.76
N ALA A 196 -4.97 21.05 29.38
CA ALA A 196 -5.25 21.54 30.73
C ALA A 196 -6.66 22.11 30.83
N ILE A 197 -6.96 23.06 29.95
CA ILE A 197 -8.22 23.76 29.94
C ILE A 197 -9.41 22.81 29.72
N LEU A 198 -9.30 21.87 28.78
CA LEU A 198 -10.37 20.87 28.60
C LEU A 198 -10.45 19.90 29.80
N LYS A 199 -9.30 19.56 30.36
CA LYS A 199 -9.28 18.58 31.47
C LYS A 199 -10.02 19.19 32.66
N SER A 200 -9.92 20.50 32.82
CA SER A 200 -10.66 21.14 33.91
C SER A 200 -12.18 21.07 33.72
N LYS A 201 -12.68 21.28 32.49
CA LYS A 201 -14.09 20.97 32.24
C LYS A 201 -14.45 19.49 32.52
N ALA A 202 -13.61 18.56 32.09
CA ALA A 202 -13.86 17.16 32.31
C ALA A 202 -13.93 16.83 33.80
N ASP A 203 -13.03 17.41 34.57
CA ASP A 203 -12.97 17.16 36.00
C ASP A 203 -14.24 17.70 36.68
N MET A 204 -14.72 18.86 36.24
CA MET A 204 -15.96 19.40 36.75
C MET A 204 -17.13 18.45 36.52
N LEU A 205 -17.23 17.90 35.32
CA LEU A 205 -18.31 16.98 35.00
C LEU A 205 -18.16 15.65 35.74
N ASN A 206 -16.92 15.21 35.90
CA ASN A 206 -16.67 13.98 36.65
C ASN A 206 -17.07 14.17 38.11
N LYS A 207 -16.84 15.38 38.63
CA LYS A 207 -17.26 15.68 40.01
C LYS A 207 -18.76 15.69 40.17
N GLU A 208 -19.47 16.36 39.26
CA GLU A 208 -20.92 16.42 39.34
C GLU A 208 -21.55 15.04 39.27
N GLN A 209 -21.01 14.17 38.42
CA GLN A 209 -21.67 12.87 38.20
C GLN A 209 -23.22 12.97 37.92
N PHE A 210 -23.62 13.84 37.01
CA PHE A 210 -25.02 13.86 36.58
C PHE A 210 -25.62 12.48 36.29
N SER A 211 -26.91 12.32 36.59
CA SER A 211 -27.66 11.14 36.20
C SER A 211 -28.03 11.15 34.71
N ALA A 212 -28.18 12.33 34.12
CA ALA A 212 -28.67 12.46 32.76
C ALA A 212 -28.38 13.83 32.16
N LEU A 213 -28.64 13.99 30.86
CA LEU A 213 -28.41 15.25 30.16
C LEU A 213 -29.66 15.54 29.41
N HIS A 214 -30.09 16.80 29.38
CA HIS A 214 -31.21 17.16 28.55
C HIS A 214 -30.82 18.20 27.52
N TYR A 215 -30.87 17.82 26.23
CA TYR A 215 -30.54 18.75 25.15
C TYR A 215 -31.78 19.41 24.54
N THR A 216 -31.71 20.71 24.28
CA THR A 216 -32.79 21.44 23.63
C THR A 216 -32.26 22.35 22.54
N ALA A 217 -32.89 22.32 21.37
CA ALA A 217 -32.60 23.25 20.27
C ALA A 217 -33.73 23.16 19.25
N PRO A 218 -33.81 24.11 18.26
CA PRO A 218 -34.79 23.84 17.20
C PRO A 218 -34.63 22.40 16.74
N GLY A 219 -35.73 21.67 16.65
CA GLY A 219 -35.69 20.30 16.19
C GLY A 219 -35.06 19.32 17.16
N THR A 220 -34.84 19.72 18.40
CA THR A 220 -34.19 18.78 19.34
C THR A 220 -34.78 18.86 20.74
N ASP A 221 -35.10 17.69 21.30
CA ASP A 221 -35.53 17.61 22.69
C ASP A 221 -35.20 16.21 23.11
N LEU A 222 -34.06 16.03 23.79
CA LEU A 222 -33.52 14.69 23.96
C LEU A 222 -32.95 14.58 25.36
N THR A 223 -33.34 13.53 26.05
CA THR A 223 -32.82 13.25 27.37
C THR A 223 -32.08 11.91 27.33
N LEU A 224 -30.80 11.94 27.69
CA LEU A 224 -29.96 10.76 27.73
C LEU A 224 -29.53 10.51 29.14
N GLY A 225 -29.69 9.26 29.58
CA GLY A 225 -29.09 8.86 30.84
C GLY A 225 -27.60 8.70 30.78
N LEU A 226 -26.94 8.88 31.92
CA LEU A 226 -25.50 8.63 31.99
C LEU A 226 -25.31 7.43 32.91
N PRO A 227 -24.26 6.64 32.66
CA PRO A 227 -24.01 5.46 33.45
C PRO A 227 -23.58 5.89 34.86
N LYS A 228 -23.83 5.03 35.84
CA LYS A 228 -23.29 5.26 37.17
C LYS A 228 -21.76 5.22 37.03
N ASN A 229 -21.06 6.12 37.72
CA ASN A 229 -19.59 6.14 37.74
C ASN A 229 -18.92 6.34 36.37
N HIS A 230 -19.45 7.28 35.57
CA HIS A 230 -18.94 7.48 34.24
C HIS A 230 -17.69 8.33 34.32
N VAL A 231 -16.91 8.36 33.24
CA VAL A 231 -15.72 9.19 33.17
C VAL A 231 -15.79 10.05 31.92
N TRP A 232 -15.74 11.37 32.12
CA TRP A 232 -15.61 12.32 31.05
C TRP A 232 -14.13 12.42 30.72
N GLU A 233 -13.79 12.31 29.44
CA GLU A 233 -12.38 12.32 29.00
C GLU A 233 -12.19 13.44 27.99
N SER A 234 -10.94 13.91 27.81
CA SER A 234 -10.63 14.97 26.84
C SER A 234 -9.12 14.93 26.48
N ALA A 235 -8.79 15.43 25.31
CA ALA A 235 -7.40 15.60 24.84
C ALA A 235 -6.47 14.42 25.16
N GLY A 236 -5.85 14.37 26.33
CA GLY A 236 -4.86 13.29 26.56
C GLY A 236 -5.40 11.94 27.01
N ALA A 237 -4.79 10.84 26.58
CA ALA A 237 -5.10 9.56 27.18
C ALA A 237 -3.81 8.90 27.66
N VAL A 238 -3.94 7.79 28.35
CA VAL A 238 -2.79 7.09 28.91
C VAL A 238 -3.03 5.66 28.51
N ASN A 239 -2.07 5.03 27.86
CA ASN A 239 -2.29 3.69 27.33
C ASN A 239 -1.92 2.63 28.36
N ALA A 240 -2.14 1.37 28.01
CA ALA A 240 -2.00 0.28 28.98
C ALA A 240 -0.57 0.11 29.46
N GLN A 241 0.37 0.86 28.89
CA GLN A 241 1.77 0.75 29.28
C GLN A 241 2.19 2.00 30.01
N GLY A 242 1.26 2.83 30.39
CA GLY A 242 1.65 4.06 31.12
C GLY A 242 2.16 5.22 30.27
N GLU A 243 2.11 5.09 28.94
CA GLU A 243 2.58 6.18 28.05
C GLU A 243 1.43 7.16 27.70
N GLU A 244 1.68 8.46 27.77
CA GLU A 244 0.68 9.47 27.36
C GLU A 244 0.53 9.58 25.84
N PHE A 245 -0.70 9.68 25.35
CA PHE A 245 -0.87 9.84 23.91
C PHE A 245 -2.11 10.71 23.57
N LEU A 246 -2.27 11.11 22.33
CA LEU A 246 -3.40 12.00 21.94
C LEU A 246 -4.21 11.24 20.92
N PRO A 247 -5.38 10.74 21.33
CA PRO A 247 -6.14 9.88 20.42
C PRO A 247 -6.68 10.58 19.19
N ASN A 248 -6.95 11.88 19.27
CA ASN A 248 -7.46 12.67 18.14
C ASN A 248 -6.65 13.99 18.07
N MET A 249 -6.12 14.27 16.90
CA MET A 249 -5.56 15.57 16.60
C MET A 249 -6.11 16.07 15.27
N PRO A 250 -6.82 17.21 15.31
CA PRO A 250 -7.09 18.11 16.46
C PRO A 250 -8.12 17.54 17.42
N THR A 251 -8.37 18.23 18.53
CA THR A 251 -9.52 17.87 19.41
C THR A 251 -9.94 19.08 20.25
N GLU A 252 -11.25 19.20 20.46
CA GLU A 252 -11.85 20.33 21.18
C GLU A 252 -12.93 19.82 22.14
N GLU A 253 -13.08 18.50 22.23
CA GLU A 253 -14.23 17.89 22.93
C GLU A 253 -13.96 17.38 24.33
N VAL A 254 -15.01 17.31 25.14
CA VAL A 254 -15.01 16.52 26.35
C VAL A 254 -16.21 15.57 26.20
N PHE A 255 -16.01 14.31 26.51
CA PHE A 255 -17.03 13.34 26.15
C PHE A 255 -17.10 12.23 27.19
N THR A 256 -18.23 11.55 27.22
CA THR A 256 -18.32 10.25 27.93
C THR A 256 -19.29 9.39 27.12
N ALA A 257 -19.75 8.29 27.71
CA ALA A 257 -20.78 7.42 27.14
C ALA A 257 -22.07 7.64 27.91
N PRO A 258 -23.21 7.66 27.19
CA PRO A 258 -24.51 7.64 27.91
C PRO A 258 -24.78 6.20 28.38
N ASP A 259 -25.72 6.04 29.31
CA ASP A 259 -26.31 4.75 29.62
C ASP A 259 -27.13 4.34 28.40
N PHE A 260 -26.77 3.23 27.75
CA PHE A 260 -27.40 2.88 26.48
C PHE A 260 -28.87 2.49 26.62
N ARG A 261 -29.26 2.22 27.87
CA ARG A 261 -30.65 1.88 28.17
C ARG A 261 -31.58 3.08 28.43
N ARG A 262 -31.04 4.30 28.43
CA ARG A 262 -31.85 5.48 28.74
C ARG A 262 -31.76 6.58 27.68
N ALA A 263 -32.80 6.73 26.87
CA ALA A 263 -32.81 7.78 25.88
C ALA A 263 -34.25 7.96 25.49
N ASP A 264 -34.72 9.19 25.53
CA ASP A 264 -36.03 9.56 25.07
C ASP A 264 -35.97 10.93 24.47
N GLY A 265 -36.64 11.07 23.34
CA GLY A 265 -36.85 12.36 22.71
C GLY A 265 -36.36 12.27 21.28
N TYR A 266 -36.10 13.43 20.68
CA TYR A 266 -35.75 13.48 19.26
C TYR A 266 -34.61 14.48 19.08
N VAL A 267 -33.89 14.40 17.96
CA VAL A 267 -32.67 15.25 17.78
C VAL A 267 -32.44 15.45 16.29
N THR A 268 -32.05 16.67 15.92
CA THR A 268 -31.80 16.99 14.51
C THR A 268 -30.30 17.19 14.41
N SER A 269 -29.71 16.62 13.36
CA SER A 269 -28.30 16.77 13.17
C SER A 269 -28.04 18.14 12.55
N THR A 270 -26.91 18.73 12.86
CA THR A 270 -26.65 20.09 12.42
C THR A 270 -25.43 20.13 11.52
N LYS A 271 -24.87 18.96 11.18
CA LYS A 271 -23.76 18.90 10.17
C LYS A 271 -24.05 17.68 9.31
N PRO A 272 -23.54 17.68 8.05
CA PRO A 272 -23.57 16.47 7.28
C PRO A 272 -22.63 15.44 7.91
N LEU A 273 -22.64 14.23 7.37
CA LEU A 273 -21.85 13.14 7.93
C LEU A 273 -21.33 12.34 6.70
N SER A 274 -20.09 11.87 6.76
CA SER A 274 -19.59 10.97 5.72
C SER A 274 -19.54 9.62 6.38
N TYR A 275 -20.32 8.68 5.87
CA TYR A 275 -20.32 7.34 6.45
C TYR A 275 -20.30 6.34 5.29
N ASN A 276 -19.47 5.30 5.38
CA ASN A 276 -19.29 4.39 4.21
C ASN A 276 -19.05 5.13 2.89
N GLY A 277 -18.27 6.22 2.91
CA GLY A 277 -17.91 6.89 1.67
C GLY A 277 -19.06 7.57 0.96
N ASN A 278 -20.15 7.87 1.69
CA ASN A 278 -21.31 8.60 1.18
C ASN A 278 -21.60 9.80 2.10
N ILE A 279 -22.00 10.92 1.49
CA ILE A 279 -22.40 12.09 2.29
C ILE A 279 -23.86 11.99 2.67
N ILE A 280 -24.11 11.97 3.97
CA ILE A 280 -25.47 11.95 4.49
C ILE A 280 -25.86 13.34 5.05
N GLU A 281 -27.05 13.82 4.66
CA GLU A 281 -27.48 15.18 5.02
C GLU A 281 -28.86 15.14 5.65
N GLY A 282 -29.08 16.06 6.57
CA GLY A 282 -30.37 16.27 7.23
C GLY A 282 -30.82 15.14 8.11
N ILE A 283 -29.95 14.64 8.96
CA ILE A 283 -30.26 13.44 9.73
C ILE A 283 -31.19 13.83 10.87
N LYS A 284 -32.23 13.01 11.15
CA LYS A 284 -33.07 13.25 12.36
C LYS A 284 -33.27 11.89 12.99
N VAL A 285 -33.27 11.82 14.33
CA VAL A 285 -33.37 10.57 15.03
C VAL A 285 -34.38 10.77 16.17
N THR A 286 -35.25 9.79 16.36
CA THR A 286 -36.17 9.74 17.52
C THR A 286 -35.86 8.51 18.36
N PHE A 287 -35.80 8.67 19.69
CA PHE A 287 -35.44 7.58 20.60
C PHE A 287 -36.58 7.33 21.58
N LYS A 288 -36.70 6.10 22.00
CA LYS A 288 -37.64 5.79 23.04
C LYS A 288 -37.07 4.61 23.83
N ASP A 289 -37.09 4.72 25.16
CA ASP A 289 -36.62 3.64 26.04
C ASP A 289 -35.21 3.21 25.70
N GLY A 290 -34.38 4.18 25.36
CA GLY A 290 -32.98 3.87 25.06
C GLY A 290 -32.67 3.54 23.61
N GLN A 291 -33.69 3.32 22.80
CA GLN A 291 -33.53 2.83 21.41
C GLN A 291 -34.00 3.83 20.34
N ILE A 292 -33.26 3.86 19.24
CA ILE A 292 -33.74 4.54 18.06
C ILE A 292 -35.00 3.85 17.52
N VAL A 293 -36.01 4.66 17.31
CA VAL A 293 -37.32 4.17 16.96
C VAL A 293 -37.57 4.65 15.54
N ASP A 294 -36.86 5.72 15.15
CA ASP A 294 -36.97 6.18 13.75
C ASP A 294 -35.67 6.89 13.43
N ILE A 295 -35.13 6.67 12.24
CA ILE A 295 -34.04 7.50 11.78
C ILE A 295 -34.30 7.82 10.32
N THR A 296 -33.90 8.99 9.89
CA THR A 296 -34.38 9.59 8.67
C THR A 296 -33.25 10.54 8.22
N ALA A 297 -33.09 10.72 6.91
CA ALA A 297 -32.15 11.69 6.40
C ALA A 297 -32.67 12.25 5.09
N GLU A 298 -32.40 13.52 4.84
CA GLU A 298 -32.79 14.12 3.56
C GLU A 298 -31.99 13.48 2.40
N LYS A 299 -30.74 13.09 2.66
CA LYS A 299 -29.92 12.45 1.67
C LYS A 299 -29.20 11.34 2.36
N GLY A 300 -29.28 10.11 1.87
CA GLY A 300 -28.60 8.99 2.52
C GLY A 300 -29.50 8.25 3.50
N ASP A 301 -30.81 8.40 3.32
CA ASP A 301 -31.75 7.87 4.29
C ASP A 301 -31.55 6.34 4.42
N GLN A 302 -31.19 5.65 3.32
CA GLN A 302 -31.14 4.17 3.34
C GLN A 302 -29.92 3.69 4.03
N VAL A 303 -28.82 4.36 3.74
CA VAL A 303 -27.56 4.09 4.41
C VAL A 303 -27.72 4.18 5.92
N MET A 304 -28.44 5.19 6.41
CA MET A 304 -28.71 5.34 7.87
C MET A 304 -29.61 4.24 8.45
N LYS A 305 -30.74 4.01 7.80
CA LYS A 305 -31.61 2.90 8.17
C LYS A 305 -30.85 1.55 8.20
N ASP A 306 -29.96 1.30 7.22
CA ASP A 306 -29.16 0.05 7.18
C ASP A 306 -28.13 0.00 8.29
N LEU A 307 -27.53 1.17 8.56
CA LEU A 307 -26.63 1.27 9.69
C LEU A 307 -27.33 0.85 10.98
N VAL A 308 -28.45 1.49 11.25
CA VAL A 308 -29.09 1.36 12.53
C VAL A 308 -29.73 -0.03 12.71
N PHE A 309 -30.43 -0.47 11.67
CA PHE A 309 -31.28 -1.67 11.77
C PHE A 309 -30.60 -2.96 11.32
N GLU A 310 -29.48 -2.87 10.62
CA GLU A 310 -28.78 -4.08 10.22
C GLU A 310 -27.61 -4.46 11.13
N ASN A 311 -27.35 -3.70 12.18
CA ASN A 311 -26.16 -3.97 12.98
C ASN A 311 -26.53 -4.06 14.45
N ALA A 312 -26.06 -5.11 15.11
CA ALA A 312 -26.37 -5.27 16.52
C ALA A 312 -25.76 -4.09 17.32
N GLY A 313 -26.49 -3.63 18.33
CA GLY A 313 -26.07 -2.50 19.17
C GLY A 313 -26.33 -1.15 18.53
N ALA A 314 -26.74 -1.16 17.26
CA ALA A 314 -26.79 0.10 16.49
C ALA A 314 -28.05 0.92 16.71
N ARG A 315 -28.92 0.41 17.57
CA ARG A 315 -30.11 1.17 17.91
C ARG A 315 -29.87 1.96 19.18
N ALA A 316 -28.64 1.93 19.70
CA ALA A 316 -28.34 2.64 20.93
C ALA A 316 -27.08 3.42 20.79
N LEU A 317 -26.85 4.33 21.75
CA LEU A 317 -25.71 5.30 21.72
C LEU A 317 -24.52 4.89 22.57
N GLY A 318 -23.32 5.20 22.11
CA GLY A 318 -22.13 4.89 22.87
C GLY A 318 -21.34 6.12 23.24
N GLU A 319 -21.71 7.29 22.74
CA GLU A 319 -20.93 8.47 23.15
C GLU A 319 -21.76 9.71 23.19
N CYS A 320 -21.46 10.57 24.15
CA CYS A 320 -22.06 11.92 24.17
C CYS A 320 -20.92 12.94 24.50
N ALA A 321 -20.71 13.86 23.56
CA ALA A 321 -19.55 14.72 23.64
C ALA A 321 -19.97 16.16 23.54
N LEU A 322 -19.24 17.01 24.24
CA LEU A 322 -19.53 18.43 24.28
C LEU A 322 -18.37 19.26 23.70
N VAL A 323 -18.71 20.16 22.79
CA VAL A 323 -17.77 21.11 22.18
C VAL A 323 -18.46 22.49 22.13
N PRO A 324 -17.84 23.49 22.74
CA PRO A 324 -18.52 24.76 22.76
C PRO A 324 -18.58 25.42 21.38
N ASP A 325 -19.72 26.03 21.07
CA ASP A 325 -19.88 26.61 19.76
C ASP A 325 -18.85 27.70 19.43
N PRO A 326 -18.38 28.44 20.45
CA PRO A 326 -17.32 29.42 20.17
C PRO A 326 -15.90 28.85 19.96
N SER A 327 -15.70 27.55 20.07
CA SER A 327 -14.34 27.06 19.84
C SER A 327 -13.90 27.16 18.36
N PRO A 328 -12.59 27.03 18.13
CA PRO A 328 -12.06 27.56 16.90
C PRO A 328 -12.53 26.87 15.65
N ILE A 329 -12.69 25.55 15.67
CA ILE A 329 -13.12 24.89 14.44
C ILE A 329 -14.60 25.22 14.15
N SER A 330 -15.40 25.31 15.18
CA SER A 330 -16.77 25.76 15.00
C SER A 330 -16.82 27.18 14.39
N GLN A 331 -16.06 28.10 15.00
CA GLN A 331 -15.98 29.50 14.55
C GLN A 331 -15.42 29.73 13.19
N SER A 332 -14.74 28.72 12.62
CA SER A 332 -14.12 28.92 11.33
C SER A 332 -15.18 29.02 10.24
N GLY A 333 -16.39 28.57 10.53
CA GLY A 333 -17.42 28.62 9.53
C GLY A 333 -17.32 27.52 8.48
N ILE A 334 -16.33 26.63 8.60
CA ILE A 334 -16.13 25.57 7.60
C ILE A 334 -16.85 24.27 7.99
N THR A 335 -17.58 23.66 7.04
CA THR A 335 -18.06 22.31 7.21
C THR A 335 -17.10 21.38 6.50
N PHE A 336 -16.55 20.42 7.23
CA PHE A 336 -15.46 19.67 6.67
C PHE A 336 -15.94 18.38 5.97
N PHE A 337 -17.20 17.99 6.23
CA PHE A 337 -17.68 16.68 5.81
C PHE A 337 -16.68 15.58 6.20
N ASN A 338 -16.22 15.65 7.42
CA ASN A 338 -15.18 14.72 7.84
C ASN A 338 -15.39 14.57 9.34
N THR A 339 -15.37 13.35 9.84
CA THR A 339 -15.77 13.15 11.21
C THR A 339 -14.80 13.77 12.25
N LEU A 340 -13.50 13.53 12.12
CA LEU A 340 -12.53 14.13 13.05
C LEU A 340 -12.68 15.67 13.20
N PHE A 341 -12.82 16.37 12.09
CA PHE A 341 -12.96 17.83 12.17
C PHE A 341 -14.33 18.29 12.61
N ASP A 342 -15.37 17.73 12.00
CA ASP A 342 -16.72 18.20 12.32
C ASP A 342 -17.07 17.85 13.79
N ASP A 343 -16.63 16.68 14.26
CA ASP A 343 -16.78 16.31 15.68
C ASP A 343 -16.26 17.39 16.55
N ASN A 344 -15.20 18.08 16.12
CA ASN A 344 -14.56 19.04 16.95
C ASN A 344 -14.97 20.46 16.68
N ALA A 345 -16.05 20.53 15.91
CA ALA A 345 -16.81 21.78 15.74
C ALA A 345 -18.17 21.75 16.50
N SER A 346 -18.61 20.60 16.99
CA SER A 346 -20.02 20.50 17.39
C SER A 346 -20.23 19.37 18.41
N ASN A 347 -21.14 19.55 19.36
CA ASN A 347 -21.58 18.42 20.21
C ASN A 347 -21.89 17.27 19.26
N HIS A 348 -21.54 16.07 19.66
CA HIS A 348 -21.90 14.94 18.85
C HIS A 348 -22.34 13.77 19.72
N LEU A 349 -22.96 12.79 19.06
CA LEU A 349 -23.42 11.55 19.67
C LEU A 349 -22.94 10.41 18.75
N ALA A 350 -22.56 9.29 19.36
CA ALA A 350 -22.16 8.12 18.60
C ALA A 350 -23.18 6.99 18.63
N ILE A 351 -23.66 6.63 17.45
CA ILE A 351 -24.40 5.38 17.25
C ILE A 351 -23.43 4.23 17.41
N GLY A 352 -23.75 3.30 18.29
CA GLY A 352 -22.91 2.11 18.48
C GLY A 352 -22.06 2.09 19.74
N ALA A 353 -20.83 1.62 19.59
CA ALA A 353 -19.97 1.28 20.74
C ALA A 353 -19.51 2.42 21.63
N ALA A 354 -19.65 2.21 22.93
CA ALA A 354 -19.02 3.04 23.94
C ALA A 354 -17.53 2.72 24.04
N TYR A 355 -16.69 3.73 24.31
CA TYR A 355 -15.28 3.46 24.69
C TYR A 355 -15.26 2.85 26.07
N ALA A 356 -14.51 1.78 26.25
CA ALA A 356 -14.44 1.12 27.57
C ALA A 356 -14.03 2.10 28.67
N THR A 357 -13.23 3.10 28.30
CA THR A 357 -12.65 4.04 29.27
C THR A 357 -13.68 5.08 29.80
N SER A 358 -14.89 5.06 29.22
CA SER A 358 -15.98 5.97 29.61
C SER A 358 -16.66 5.56 30.94
N VAL A 359 -16.28 4.41 31.50
CA VAL A 359 -16.65 4.09 32.89
C VAL A 359 -15.40 3.79 33.76
N VAL A 360 -15.48 4.09 35.04
CA VAL A 360 -14.38 3.82 35.97
C VAL A 360 -13.97 2.36 35.87
N ASP A 361 -12.68 2.12 35.74
CA ASP A 361 -12.12 0.76 35.56
C ASP A 361 -12.68 -0.02 34.37
N GLY A 362 -13.17 0.67 33.36
CA GLY A 362 -13.79 0.00 32.24
C GLY A 362 -12.77 -0.72 31.37
N ALA A 363 -11.53 -0.22 31.36
CA ALA A 363 -10.49 -0.77 30.50
C ALA A 363 -10.11 -2.19 30.92
N GLU A 364 -10.51 -2.59 32.12
CA GLU A 364 -10.29 -3.98 32.56
C GLU A 364 -11.58 -4.77 32.73
N MET A 365 -12.69 -4.25 32.22
CA MET A 365 -13.95 -5.00 32.31
C MET A 365 -14.10 -5.90 31.12
N SER A 366 -14.84 -6.99 31.29
CA SER A 366 -15.18 -7.83 30.15
C SER A 366 -16.31 -7.14 29.37
N GLU A 367 -16.63 -7.69 28.20
CA GLU A 367 -17.79 -7.21 27.44
C GLU A 367 -19.10 -7.26 28.24
N GLU A 368 -19.28 -8.34 29.01
CA GLU A 368 -20.45 -8.50 29.86
C GLU A 368 -20.51 -7.42 30.93
N GLU A 369 -19.41 -7.18 31.63
CA GLU A 369 -19.37 -6.09 32.63
C GLU A 369 -19.68 -4.70 32.04
N LEU A 370 -19.07 -4.39 30.91
CA LEU A 370 -19.26 -3.08 30.28
C LEU A 370 -20.73 -2.97 30.01
N GLU A 371 -21.34 -4.00 29.44
CA GLU A 371 -22.74 -3.85 29.04
C GLU A 371 -23.66 -3.72 30.26
N ALA A 372 -23.30 -4.41 31.34
CA ALA A 372 -24.05 -4.34 32.59
C ALA A 372 -23.90 -2.94 33.17
N ALA A 373 -22.74 -2.32 32.92
CA ALA A 373 -22.46 -1.01 33.45
C ALA A 373 -23.15 0.08 32.64
N GLY A 374 -23.80 -0.28 31.54
CA GLY A 374 -24.58 0.69 30.72
C GLY A 374 -23.88 1.21 29.49
N LEU A 375 -22.75 0.59 29.11
CA LEU A 375 -21.98 0.99 27.95
C LEU A 375 -22.30 0.07 26.78
N ASN A 376 -22.83 0.66 25.73
CA ASN A 376 -23.30 -0.08 24.55
C ASN A 376 -22.18 -0.86 23.90
N ARG A 377 -22.47 -2.11 23.53
CA ARG A 377 -21.58 -2.90 22.69
C ARG A 377 -22.05 -2.97 21.23
N SER A 378 -21.13 -2.80 20.29
CA SER A 378 -21.49 -2.77 18.90
C SER A 378 -20.24 -2.93 18.06
N ASP A 379 -20.39 -3.48 16.86
CA ASP A 379 -19.29 -3.45 15.91
C ASP A 379 -19.11 -2.12 15.18
N VAL A 380 -20.05 -1.17 15.35
CA VAL A 380 -19.95 0.14 14.69
C VAL A 380 -19.85 1.28 15.71
N HIS A 381 -19.34 2.43 15.27
CA HIS A 381 -19.26 3.62 16.12
C HIS A 381 -19.33 4.75 15.13
N VAL A 382 -20.51 5.33 14.95
CA VAL A 382 -20.70 6.37 13.96
C VAL A 382 -21.18 7.68 14.67
N ASP A 383 -20.35 8.72 14.62
CA ASP A 383 -20.66 9.99 15.25
C ASP A 383 -21.49 10.78 14.31
N PHE A 384 -22.49 11.48 14.87
CA PHE A 384 -23.18 12.52 14.14
C PHE A 384 -23.30 13.75 15.01
N MET A 385 -23.39 14.92 14.39
CA MET A 385 -23.27 16.15 15.16
C MET A 385 -24.60 16.85 15.34
N ILE A 386 -24.76 17.47 16.49
CA ILE A 386 -26.04 18.01 16.90
C ILE A 386 -25.98 19.41 17.53
N GLY A 387 -24.76 19.93 17.71
CA GLY A 387 -24.57 21.22 18.40
C GLY A 387 -24.82 22.43 17.49
N SER A 388 -25.03 23.59 18.12
CA SER A 388 -25.25 24.83 17.37
C SER A 388 -25.20 25.96 18.39
N ASN A 389 -25.31 27.18 17.87
CA ASN A 389 -25.31 28.32 18.74
C ASN A 389 -26.67 28.55 19.36
N GLN A 390 -27.63 27.65 19.09
CA GLN A 390 -28.97 27.72 19.70
C GLN A 390 -29.24 26.62 20.73
N MET A 391 -28.28 25.74 20.97
CA MET A 391 -28.48 24.60 21.89
C MET A 391 -28.22 24.93 23.36
N ASP A 392 -29.23 24.57 24.16
CA ASP A 392 -29.11 24.55 25.61
C ASP A 392 -29.00 23.12 26.03
N ILE A 393 -28.21 22.87 27.07
CA ILE A 393 -28.15 21.53 27.70
C ILE A 393 -28.21 21.72 29.22
N ASP A 394 -29.07 20.97 29.88
CA ASP A 394 -28.97 20.85 31.33
C ASP A 394 -28.36 19.54 31.72
N GLY A 395 -27.53 19.57 32.76
CA GLY A 395 -27.21 18.37 33.53
C GLY A 395 -28.35 18.11 34.53
N ILE A 396 -28.68 16.84 34.76
CA ILE A 396 -29.79 16.45 35.60
C ILE A 396 -29.19 15.64 36.73
N ARG A 397 -29.34 16.12 37.96
CA ARG A 397 -28.74 15.40 39.09
C ARG A 397 -29.62 14.25 39.49
N GLU A 398 -29.08 13.43 40.38
CA GLU A 398 -29.71 12.20 40.79
C GLU A 398 -31.05 12.51 41.47
N ASP A 399 -31.13 13.65 42.13
CA ASP A 399 -32.34 14.08 42.80
C ASP A 399 -33.13 15.05 41.90
N GLY A 400 -32.88 15.02 40.59
CA GLY A 400 -33.75 15.72 39.64
C GLY A 400 -33.44 17.18 39.36
N THR A 401 -32.56 17.79 40.15
CA THR A 401 -32.17 19.17 39.91
C THR A 401 -31.62 19.36 38.49
N ARG A 402 -32.14 20.37 37.79
CA ARG A 402 -31.68 20.75 36.46
C ARG A 402 -30.60 21.82 36.60
N VAL A 403 -29.39 21.55 36.11
CA VAL A 403 -28.26 22.47 36.27
C VAL A 403 -27.86 22.99 34.88
N PRO A 404 -27.93 24.31 34.65
CA PRO A 404 -27.56 24.77 33.30
C PRO A 404 -26.11 24.35 32.94
N LEU A 405 -25.92 23.74 31.77
CA LEU A 405 -24.60 23.23 31.36
C LEU A 405 -24.12 23.95 30.12
N PHE A 406 -24.96 23.95 29.09
CA PHE A 406 -24.69 24.81 27.97
C PHE A 406 -25.86 25.77 27.82
N ARG A 407 -25.53 26.97 27.37
CA ARG A 407 -26.54 27.90 26.95
C ARG A 407 -26.07 28.49 25.67
N ASN A 408 -26.93 28.44 24.66
CA ASN A 408 -26.62 28.97 23.34
C ASN A 408 -25.30 28.38 22.84
N GLY A 409 -25.03 27.15 23.23
CA GLY A 409 -23.93 26.41 22.64
C GLY A 409 -22.60 26.65 23.35
N ASN A 410 -22.65 27.29 24.53
CA ASN A 410 -21.42 27.51 25.29
C ASN A 410 -21.65 27.17 26.75
N TRP A 411 -20.56 26.84 27.44
CA TRP A 411 -20.64 26.53 28.86
C TRP A 411 -21.49 27.60 29.59
N ALA A 412 -22.39 27.15 30.45
CA ALA A 412 -23.36 28.06 31.09
C ALA A 412 -22.79 28.95 32.19
N ASN A 413 -21.95 28.37 33.06
CA ASN A 413 -21.56 29.00 34.36
C ASN A 413 -22.65 29.26 35.41
N MET B 1 6.49 18.23 -23.31
CA MET B 1 7.29 18.73 -24.47
C MET B 1 8.13 17.69 -25.26
N VAL B 2 8.74 16.76 -24.55
CA VAL B 2 9.67 15.80 -25.17
C VAL B 2 8.91 14.52 -25.41
N LEU B 3 7.65 14.54 -24.99
CA LEU B 3 6.80 13.40 -24.87
C LEU B 3 5.41 13.83 -25.39
N PRO B 4 4.84 13.17 -26.41
CA PRO B 4 3.49 13.60 -26.78
C PRO B 4 2.33 12.96 -25.96
N ASN B 5 1.29 13.77 -25.67
CA ASN B 5 -0.02 13.26 -25.16
C ASN B 5 0.15 12.31 -23.99
N PHE B 6 0.75 12.80 -22.92
CA PHE B 6 1.13 11.90 -21.80
C PHE B 6 -0.06 11.17 -21.21
N LYS B 7 -1.10 11.92 -20.83
CA LYS B 7 -2.23 11.28 -20.17
C LYS B 7 -2.85 10.21 -21.05
N GLU B 8 -3.00 10.49 -22.35
CA GLU B 8 -3.65 9.52 -23.25
C GLU B 8 -2.78 8.26 -23.40
N ASN B 9 -1.49 8.48 -23.55
CA ASN B 9 -0.54 7.40 -23.73
C ASN B 9 -0.34 6.62 -22.46
N LEU B 10 -0.36 7.30 -21.31
CA LEU B 10 -0.36 6.59 -20.01
C LEU B 10 -1.59 5.63 -19.90
N GLU B 11 -2.77 6.09 -20.32
CA GLU B 11 -3.96 5.21 -20.34
C GLU B 11 -3.80 4.04 -21.32
N LYS B 12 -3.31 4.36 -22.51
CA LYS B 12 -3.08 3.34 -23.52
C LYS B 12 -2.11 2.27 -23.04
N TYR B 13 -1.06 2.74 -22.36
CA TYR B 13 -0.08 1.86 -21.74
C TYR B 13 -0.74 0.97 -20.67
N ALA B 14 -1.47 1.57 -19.74
CA ALA B 14 -2.16 0.83 -18.73
C ALA B 14 -3.05 -0.25 -19.38
N LYS B 15 -3.85 0.11 -20.39
CA LYS B 15 -4.72 -0.88 -21.03
C LYS B 15 -3.96 -2.03 -21.69
N LEU B 16 -2.85 -1.72 -22.33
CA LEU B 16 -1.95 -2.73 -22.90
C LEU B 16 -1.36 -3.74 -21.87
N LEU B 17 -0.89 -3.22 -20.75
CA LEU B 17 -0.37 -4.05 -19.66
C LEU B 17 -1.48 -5.03 -19.22
N VAL B 18 -2.69 -4.53 -19.10
CA VAL B 18 -3.79 -5.37 -18.61
C VAL B 18 -4.34 -6.33 -19.69
N ALA B 19 -4.62 -5.79 -20.86
CA ALA B 19 -5.22 -6.60 -21.93
C ALA B 19 -4.25 -7.59 -22.61
N ASN B 20 -2.99 -7.21 -22.77
CA ASN B 20 -2.05 -7.98 -23.58
C ASN B 20 -0.86 -8.47 -22.76
N GLY B 21 -0.47 -7.73 -21.72
CA GLY B 21 0.59 -8.24 -20.86
C GLY B 21 0.07 -9.36 -19.97
N ILE B 22 -0.86 -9.01 -19.07
CA ILE B 22 -1.43 -9.99 -18.20
C ILE B 22 -2.64 -10.75 -18.78
N ASN B 23 -3.28 -10.16 -19.78
CA ASN B 23 -4.48 -10.73 -20.42
C ASN B 23 -5.54 -11.09 -19.37
N VAL B 24 -6.11 -10.10 -18.70
CA VAL B 24 -7.15 -10.35 -17.70
C VAL B 24 -8.41 -10.94 -18.40
N GLN B 25 -9.07 -11.86 -17.73
CA GLN B 25 -10.26 -12.57 -18.28
C GLN B 25 -11.35 -12.51 -17.20
N PRO B 26 -12.63 -12.63 -17.59
CA PRO B 26 -13.68 -12.55 -16.56
C PRO B 26 -13.40 -13.49 -15.46
N GLY B 27 -13.58 -13.05 -14.23
CA GLY B 27 -13.39 -13.90 -13.06
C GLY B 27 -12.02 -13.94 -12.44
N HIS B 28 -10.99 -13.44 -13.10
CA HIS B 28 -9.63 -13.48 -12.59
C HIS B 28 -9.46 -12.57 -11.36
N THR B 29 -8.50 -12.95 -10.53
CA THR B 29 -7.94 -12.05 -9.55
C THR B 29 -6.60 -11.56 -10.16
N LEU B 30 -6.30 -10.28 -9.93
CA LEU B 30 -5.06 -9.68 -10.39
C LEU B 30 -4.36 -9.06 -9.17
N ALA B 31 -3.09 -9.40 -8.98
CA ALA B 31 -2.26 -8.75 -8.01
C ALA B 31 -1.40 -7.77 -8.76
N LEU B 32 -1.51 -6.49 -8.39
CA LEU B 32 -0.63 -5.49 -8.91
C LEU B 32 0.44 -5.03 -7.89
N SER B 33 1.74 -5.14 -8.20
CA SER B 33 2.78 -4.51 -7.36
C SER B 33 3.28 -3.28 -8.04
N ILE B 34 3.22 -2.18 -7.32
CA ILE B 34 3.46 -0.88 -7.96
C ILE B 34 3.82 0.12 -6.85
N ASP B 35 4.74 1.03 -7.14
CA ASP B 35 5.18 2.01 -6.18
C ASP B 35 4.07 3.06 -5.96
N VAL B 36 3.96 3.57 -4.73
CA VAL B 36 2.98 4.60 -4.40
C VAL B 36 3.20 5.84 -5.23
N GLU B 37 4.44 6.09 -5.61
CA GLU B 37 4.72 7.22 -6.51
C GLU B 37 3.93 7.11 -7.83
N GLN B 38 3.55 5.89 -8.19
CA GLN B 38 2.88 5.68 -9.47
C GLN B 38 1.36 5.48 -9.34
N ARG B 39 0.74 6.14 -8.37
CA ARG B 39 -0.71 6.00 -8.15
C ARG B 39 -1.51 6.32 -9.37
N GLU B 40 -1.04 7.26 -10.19
CA GLU B 40 -1.78 7.63 -11.40
C GLU B 40 -1.89 6.39 -12.35
N LEU B 41 -0.76 5.81 -12.69
CA LEU B 41 -0.79 4.56 -13.47
C LEU B 41 -1.58 3.43 -12.76
N ALA B 42 -1.39 3.24 -11.47
CA ALA B 42 -2.16 2.20 -10.78
C ALA B 42 -3.67 2.35 -10.96
N HIS B 43 -4.20 3.57 -10.77
CA HIS B 43 -5.63 3.84 -11.04
C HIS B 43 -6.08 3.37 -12.41
N LEU B 44 -5.29 3.69 -13.44
CA LEU B 44 -5.61 3.32 -14.82
C LEU B 44 -5.59 1.81 -15.00
N ILE B 45 -4.57 1.16 -14.46
CA ILE B 45 -4.46 -0.31 -14.51
C ILE B 45 -5.64 -0.99 -13.81
N VAL B 46 -5.97 -0.51 -12.62
CA VAL B 46 -7.05 -1.13 -11.86
C VAL B 46 -8.40 -1.00 -12.57
N LYS B 47 -8.68 0.19 -13.12
CA LYS B 47 -9.91 0.39 -13.85
C LYS B 47 -10.06 -0.57 -15.03
N GLU B 48 -9.01 -0.68 -15.82
CA GLU B 48 -9.08 -1.60 -16.97
C GLU B 48 -9.20 -3.08 -16.58
N ALA B 49 -8.49 -3.51 -15.53
CA ALA B 49 -8.66 -4.88 -15.08
C ALA B 49 -10.15 -5.14 -14.76
N TYR B 50 -10.79 -4.24 -13.99
CA TYR B 50 -12.21 -4.44 -13.71
C TYR B 50 -13.05 -4.37 -14.96
N ALA B 51 -12.75 -3.43 -15.87
CA ALA B 51 -13.47 -3.36 -17.11
C ALA B 51 -13.35 -4.66 -17.95
N LEU B 52 -12.25 -5.38 -17.81
CA LEU B 52 -12.04 -6.62 -18.57
C LEU B 52 -12.63 -7.83 -17.82
N GLY B 53 -13.23 -7.56 -16.66
CA GLY B 53 -14.05 -8.55 -15.98
C GLY B 53 -13.38 -9.21 -14.80
N ALA B 54 -12.28 -8.64 -14.32
CA ALA B 54 -11.66 -9.12 -13.07
C ALA B 54 -12.67 -9.10 -11.96
N HIS B 55 -12.66 -10.14 -11.11
CA HIS B 55 -13.43 -10.16 -9.87
C HIS B 55 -12.74 -9.42 -8.72
N GLU B 56 -11.40 -9.35 -8.77
CA GLU B 56 -10.71 -8.67 -7.68
C GLU B 56 -9.33 -8.19 -8.14
N VAL B 57 -9.00 -6.92 -7.88
CA VAL B 57 -7.59 -6.46 -7.98
C VAL B 57 -7.05 -6.22 -6.58
N ILE B 58 -5.95 -6.87 -6.24
CA ILE B 58 -5.26 -6.63 -4.96
C ILE B 58 -3.98 -5.83 -5.31
N VAL B 59 -3.86 -4.62 -4.76
CA VAL B 59 -2.68 -3.78 -5.03
C VAL B 59 -1.68 -3.89 -3.90
N GLN B 60 -0.48 -4.31 -4.23
CA GLN B 60 0.61 -4.36 -3.30
C GLN B 60 1.48 -3.15 -3.53
N TRP B 61 1.24 -2.13 -2.73
CA TRP B 61 1.99 -0.89 -2.81
C TRP B 61 3.37 -1.01 -2.21
N THR B 62 4.31 -0.35 -2.83
CA THR B 62 5.69 -0.50 -2.53
C THR B 62 6.22 0.96 -2.40
N ASP B 63 7.29 1.19 -1.64
CA ASP B 63 7.83 2.54 -1.49
C ASP B 63 9.30 2.44 -1.03
N ASP B 64 10.19 3.05 -1.81
CA ASP B 64 11.64 2.93 -1.68
C ASP B 64 12.11 3.62 -0.41
N VAL B 65 11.49 4.74 -0.10
CA VAL B 65 12.00 5.51 1.00
C VAL B 65 11.68 4.82 2.26
N ILE B 66 10.46 4.29 2.35
CA ILE B 66 10.08 3.59 3.58
C ILE B 66 10.83 2.27 3.74
N ASN B 67 11.08 1.61 2.62
CA ASN B 67 11.84 0.36 2.69
C ASN B 67 13.29 0.63 3.17
N ARG B 68 13.90 1.70 2.67
CA ARG B 68 15.28 2.07 3.10
C ARG B 68 15.34 2.39 4.60
N GLU B 69 14.32 3.08 5.11
CA GLU B 69 14.29 3.43 6.53
C GLU B 69 14.25 2.15 7.32
N LYS B 70 13.46 1.21 6.83
CA LYS B 70 13.33 -0.03 7.55
C LYS B 70 14.69 -0.75 7.57
N PHE B 71 15.34 -0.87 6.40
CA PHE B 71 16.66 -1.50 6.32
C PHE B 71 17.72 -0.74 7.13
N LEU B 72 17.63 0.59 7.18
CA LEU B 72 18.60 1.37 7.94
C LEU B 72 18.39 1.23 9.46
N HIS B 73 17.14 1.07 9.90
CA HIS B 73 16.84 1.27 11.31
C HIS B 73 16.26 0.08 12.05
N ALA B 74 15.60 -0.83 11.34
CA ALA B 74 14.99 -1.95 12.03
C ALA B 74 16.05 -2.96 12.42
N PRO B 75 15.86 -3.62 13.56
CA PRO B 75 16.92 -4.58 13.88
C PRO B 75 16.82 -5.82 13.01
N MET B 76 17.93 -6.56 12.92
CA MET B 76 18.03 -7.76 12.08
C MET B 76 16.83 -8.68 12.24
N GLU B 77 16.32 -8.77 13.46
CA GLU B 77 15.22 -9.67 13.72
C GLU B 77 13.92 -9.22 13.03
N ARG B 78 13.84 -7.99 12.56
CA ARG B 78 12.64 -7.63 11.78
C ARG B 78 12.99 -7.84 10.28
N LEU B 79 14.28 -8.08 9.99
CA LEU B 79 14.72 -8.14 8.59
C LEU B 79 15.01 -9.56 8.08
N ASP B 80 15.29 -10.48 8.99
CA ASP B 80 15.79 -11.79 8.55
C ASP B 80 14.74 -12.88 8.52
N ASN B 81 13.46 -12.52 8.59
CA ASN B 81 12.42 -13.53 8.49
C ASN B 81 11.20 -12.88 7.90
N VAL B 82 10.30 -13.68 7.37
CA VAL B 82 9.07 -13.16 6.76
C VAL B 82 7.83 -13.53 7.61
N PRO B 83 7.08 -12.52 8.10
CA PRO B 83 5.92 -12.77 8.98
C PRO B 83 4.88 -13.61 8.32
N GLU B 84 4.17 -14.42 9.11
CA GLU B 84 3.20 -15.33 8.51
C GLU B 84 2.19 -14.55 7.69
N TYR B 85 1.84 -13.31 8.06
CA TYR B 85 0.70 -12.66 7.34
C TYR B 85 1.08 -12.41 5.86
N LYS B 86 2.35 -12.18 5.61
CA LYS B 86 2.83 -11.97 4.22
C LYS B 86 2.72 -13.28 3.46
N ILE B 87 3.13 -14.38 4.09
CA ILE B 87 2.91 -15.70 3.52
C ILE B 87 1.42 -15.99 3.29
N ALA B 88 0.57 -15.62 4.24
CA ALA B 88 -0.87 -15.80 4.03
C ALA B 88 -1.37 -15.00 2.84
N GLU B 89 -0.85 -13.81 2.66
CA GLU B 89 -1.32 -13.03 1.52
C GLU B 89 -0.90 -13.75 0.26
N MET B 90 0.36 -14.19 0.26
CA MET B 90 0.85 -15.02 -0.86
C MET B 90 -0.08 -16.19 -1.17
N ASN B 91 -0.44 -16.97 -0.15
CA ASN B 91 -1.33 -18.11 -0.38
C ASN B 91 -2.72 -17.75 -0.87
N TYR B 92 -3.24 -16.60 -0.45
CA TYR B 92 -4.54 -16.19 -0.95
C TYR B 92 -4.40 -15.97 -2.46
N LEU B 93 -3.30 -15.36 -2.86
CA LEU B 93 -3.10 -15.08 -4.29
C LEU B 93 -3.06 -16.36 -5.09
N LEU B 94 -2.26 -17.29 -4.62
CA LEU B 94 -2.12 -18.56 -5.30
C LEU B 94 -3.43 -19.36 -5.28
N GLU B 95 -4.13 -19.41 -4.15
CA GLU B 95 -5.40 -20.16 -4.15
C GLU B 95 -6.40 -19.57 -5.14
N ASN B 96 -6.29 -18.27 -5.42
CA ASN B 96 -7.15 -17.63 -6.40
C ASN B 96 -6.51 -17.53 -7.79
N LYS B 97 -5.38 -18.20 -7.94
CA LYS B 97 -4.70 -18.25 -9.25
C LYS B 97 -4.50 -16.87 -9.79
N ALA B 98 -4.05 -15.99 -8.91
CA ALA B 98 -3.93 -14.56 -9.25
C ALA B 98 -2.80 -14.39 -10.26
N SER B 99 -3.09 -13.64 -11.30
CA SER B 99 -2.07 -13.08 -12.20
C SER B 99 -1.22 -12.06 -11.48
N ARG B 100 0.04 -11.95 -11.86
CA ARG B 100 0.93 -11.05 -11.14
C ARG B 100 1.48 -10.00 -12.08
N LEU B 101 1.08 -8.75 -11.89
CA LEU B 101 1.57 -7.66 -12.72
C LEU B 101 2.51 -6.84 -11.85
N GLY B 102 3.82 -6.90 -12.13
CA GLY B 102 4.79 -6.21 -11.33
C GLY B 102 5.26 -4.96 -12.08
N VAL B 103 4.89 -3.76 -11.61
CA VAL B 103 5.35 -2.55 -12.30
C VAL B 103 6.54 -1.94 -11.54
N ARG B 104 7.73 -2.03 -12.12
CA ARG B 104 8.92 -1.60 -11.39
C ARG B 104 9.27 -0.14 -11.75
N SER B 105 9.53 0.69 -10.75
CA SER B 105 9.96 2.06 -11.00
C SER B 105 10.98 2.45 -9.95
N SER B 106 11.64 1.44 -9.40
CA SER B 106 12.40 1.63 -8.21
C SER B 106 13.72 2.38 -8.44
N ASP B 107 14.21 3.09 -7.43
CA ASP B 107 15.56 3.69 -7.48
C ASP B 107 16.63 2.59 -7.54
N PRO B 108 17.49 2.58 -8.58
CA PRO B 108 18.43 1.44 -8.66
C PRO B 108 19.38 1.34 -7.44
N GLY B 109 19.59 2.46 -6.76
CA GLY B 109 20.48 2.52 -5.61
C GLY B 109 19.66 2.74 -4.36
N ALA B 110 18.40 2.32 -4.38
CA ALA B 110 17.52 2.61 -3.24
C ALA B 110 18.12 2.25 -1.86
N LEU B 111 18.95 1.21 -1.81
CA LEU B 111 19.43 0.68 -0.51
C LEU B 111 20.93 0.84 -0.32
N ASN B 112 21.48 1.82 -1.03
CA ASN B 112 22.87 2.23 -0.87
C ASN B 112 23.36 2.36 0.60
N GLY B 113 22.61 2.97 1.48
CA GLY B 113 23.20 2.94 2.87
C GLY B 113 23.50 1.59 3.59
N VAL B 114 22.90 0.51 3.12
CA VAL B 114 22.45 -0.54 4.05
C VAL B 114 23.49 -1.64 4.34
N ASP B 115 23.55 -2.10 5.58
CA ASP B 115 24.50 -3.16 5.92
C ASP B 115 24.33 -4.35 4.99
N ALA B 116 25.43 -4.82 4.39
CA ALA B 116 25.38 -6.02 3.54
C ALA B 116 24.69 -7.21 4.20
N ASP B 117 24.93 -7.44 5.49
CA ASP B 117 24.38 -8.68 6.04
C ASP B 117 22.86 -8.62 6.16
N LYS B 118 22.34 -7.41 6.30
CA LYS B 118 20.88 -7.29 6.35
C LYS B 118 20.29 -7.50 4.97
N LEU B 119 20.92 -6.93 3.96
CA LEU B 119 20.43 -7.17 2.59
C LEU B 119 20.38 -8.66 2.33
N SER B 120 21.46 -9.36 2.69
CA SER B 120 21.60 -10.81 2.44
C SER B 120 20.57 -11.59 3.24
N ALA B 121 20.42 -11.24 4.53
CA ALA B 121 19.46 -11.98 5.39
C ALA B 121 18.02 -11.86 4.92
N SER B 122 17.65 -10.64 4.49
CA SER B 122 16.28 -10.43 4.05
C SER B 122 16.02 -11.09 2.68
N ALA B 123 16.95 -10.96 1.74
CA ALA B 123 16.78 -11.63 0.44
C ALA B 123 16.68 -13.17 0.57
N LYS B 124 17.49 -13.75 1.44
CA LYS B 124 17.44 -15.23 1.58
C LYS B 124 16.07 -15.63 2.17
N ALA B 125 15.67 -14.96 3.23
CA ALA B 125 14.37 -15.30 3.87
C ALA B 125 13.22 -15.09 2.89
N MET B 126 13.27 -14.01 2.11
CA MET B 126 12.23 -13.84 1.10
C MET B 126 12.27 -14.94 0.03
N GLY B 127 13.47 -15.30 -0.43
CA GLY B 127 13.59 -16.36 -1.46
C GLY B 127 12.97 -17.65 -0.93
N LEU B 128 13.22 -17.93 0.34
CA LEU B 128 12.62 -19.12 0.96
C LEU B 128 11.09 -19.04 1.10
N ALA B 129 10.60 -17.90 1.64
CA ALA B 129 9.18 -17.80 1.99
C ALA B 129 8.31 -17.70 0.76
N MET B 130 8.83 -17.02 -0.26
CA MET B 130 8.06 -16.78 -1.46
C MET B 130 8.19 -17.88 -2.53
N LYS B 131 8.90 -18.96 -2.22
CA LYS B 131 9.11 -20.09 -3.14
C LYS B 131 7.81 -20.58 -3.86
N PRO B 132 6.70 -20.74 -3.12
CA PRO B 132 5.57 -21.27 -3.88
C PRO B 132 5.14 -20.32 -4.99
N MET B 133 5.23 -19.01 -4.74
CA MET B 133 4.84 -18.06 -5.78
C MET B 133 5.86 -18.07 -6.96
N ARG B 134 7.13 -18.24 -6.64
CA ARG B 134 8.17 -18.20 -7.68
C ARG B 134 8.02 -19.40 -8.57
N ILE B 135 7.79 -20.54 -7.93
CA ILE B 135 7.58 -21.77 -8.65
C ILE B 135 6.39 -21.67 -9.58
N ALA B 136 5.30 -21.10 -9.09
CA ALA B 136 4.06 -21.04 -9.87
C ALA B 136 4.26 -20.13 -11.08
N THR B 137 4.92 -19.01 -10.86
CA THR B 137 5.06 -18.02 -11.88
C THR B 137 6.09 -18.55 -12.91
N GLN B 138 7.17 -19.14 -12.41
CA GLN B 138 8.19 -19.68 -13.33
C GLN B 138 7.73 -20.88 -14.16
N SER B 139 6.64 -21.54 -13.79
CA SER B 139 6.12 -22.60 -14.65
C SER B 139 4.84 -22.14 -15.32
N ASN B 140 4.60 -20.84 -15.30
CA ASN B 140 3.43 -20.28 -15.95
C ASN B 140 2.09 -20.85 -15.49
N LYS B 141 1.98 -21.21 -14.21
CA LYS B 141 0.67 -21.61 -13.64
C LYS B 141 -0.33 -20.45 -13.75
N VAL B 142 0.16 -19.21 -13.52
CA VAL B 142 -0.67 -18.03 -13.67
C VAL B 142 0.01 -17.10 -14.67
N SER B 143 -0.73 -16.14 -15.22
CA SER B 143 -0.13 -15.10 -16.07
C SER B 143 0.70 -14.20 -15.19
N TRP B 144 1.77 -13.61 -15.73
CA TRP B 144 2.53 -12.64 -14.95
C TRP B 144 3.26 -11.74 -15.93
N THR B 145 3.55 -10.52 -15.52
CA THR B 145 4.20 -9.53 -16.40
C THR B 145 5.06 -8.61 -15.56
N VAL B 146 6.25 -8.31 -16.05
CA VAL B 146 7.14 -7.37 -15.42
C VAL B 146 7.21 -6.22 -16.42
N ALA B 147 6.90 -5.01 -15.95
CA ALA B 147 6.85 -3.82 -16.79
C ALA B 147 7.36 -2.68 -15.90
N ALA B 148 7.49 -1.48 -16.46
CA ALA B 148 8.16 -0.44 -15.73
C ALA B 148 7.28 0.81 -15.67
N ALA B 149 7.60 1.69 -14.72
CA ALA B 149 7.03 3.02 -14.75
C ALA B 149 8.13 4.02 -14.43
N ALA B 150 7.94 5.29 -14.79
CA ALA B 150 9.05 6.25 -14.70
C ALA B 150 9.14 6.88 -13.33
N GLY B 151 9.87 6.22 -12.41
CA GLY B 151 10.10 6.72 -11.06
C GLY B 151 11.10 7.86 -11.13
N LEU B 152 10.95 8.83 -10.22
CA LEU B 152 11.77 10.03 -10.26
C LEU B 152 13.25 9.71 -10.04
N GLU B 153 13.58 8.96 -9.00
CA GLU B 153 14.99 8.79 -8.68
C GLU B 153 15.63 7.96 -9.78
N TRP B 154 14.85 7.01 -10.31
CA TRP B 154 15.37 6.20 -11.38
C TRP B 154 15.66 7.06 -12.62
N ALA B 155 14.71 7.92 -12.98
CA ALA B 155 14.85 8.72 -14.19
C ALA B 155 16.03 9.63 -14.07
N LYS B 156 16.24 10.16 -12.86
CA LYS B 156 17.37 11.04 -12.61
C LYS B 156 18.69 10.33 -12.93
N LYS B 157 18.78 9.06 -12.53
CA LYS B 157 19.94 8.25 -12.79
C LYS B 157 20.15 7.96 -14.25
N VAL B 158 19.05 7.66 -14.95
CA VAL B 158 19.14 7.32 -16.34
C VAL B 158 19.51 8.57 -17.18
N PHE B 159 18.96 9.73 -16.85
CA PHE B 159 19.15 10.87 -17.73
C PHE B 159 19.82 12.07 -17.04
N PRO B 160 21.14 11.99 -16.77
CA PRO B 160 21.87 13.15 -16.18
C PRO B 160 21.79 14.35 -17.10
N ASN B 161 21.57 14.07 -18.38
CA ASN B 161 21.60 15.08 -19.45
C ASN B 161 20.28 15.90 -19.49
N ALA B 162 19.36 15.59 -18.57
CA ALA B 162 18.02 16.19 -18.57
C ALA B 162 18.09 17.60 -18.05
N ALA B 163 17.23 18.48 -18.56
CA ALA B 163 17.25 19.87 -18.12
C ALA B 163 16.53 20.10 -16.77
N SER B 164 15.71 19.13 -16.35
CA SER B 164 15.09 19.15 -15.03
C SER B 164 14.67 17.75 -14.62
N ASP B 165 14.21 17.65 -13.38
CA ASP B 165 13.76 16.37 -12.85
C ASP B 165 12.54 15.95 -13.63
N GLU B 166 11.65 16.92 -13.91
CA GLU B 166 10.45 16.68 -14.69
C GLU B 166 10.80 16.20 -16.09
N GLU B 167 11.88 16.73 -16.66
CA GLU B 167 12.22 16.35 -18.03
C GLU B 167 12.78 14.92 -18.02
N ALA B 168 13.60 14.60 -17.03
CA ALA B 168 14.18 13.25 -16.94
C ALA B 168 13.07 12.20 -16.86
N VAL B 169 12.07 12.46 -16.02
CA VAL B 169 10.92 11.51 -15.91
C VAL B 169 10.24 11.35 -17.29
N ASP B 170 10.03 12.47 -17.99
CA ASP B 170 9.45 12.39 -19.31
C ASP B 170 10.27 11.60 -20.32
N PHE B 171 11.58 11.74 -20.34
CA PHE B 171 12.35 10.88 -21.27
C PHE B 171 12.23 9.40 -20.86
N LEU B 172 12.11 9.12 -19.56
CA LEU B 172 11.99 7.70 -19.13
C LEU B 172 10.62 7.20 -19.58
N TRP B 173 9.56 7.99 -19.39
CA TRP B 173 8.25 7.53 -19.93
C TRP B 173 8.31 7.33 -21.43
N ASP B 174 9.00 8.23 -22.13
CA ASP B 174 9.11 8.08 -23.60
C ASP B 174 9.78 6.73 -24.00
N GLN B 175 10.80 6.31 -23.25
CA GLN B 175 11.41 5.00 -23.50
C GLN B 175 10.42 3.87 -23.24
N ILE B 176 9.65 4.01 -22.18
CA ILE B 176 8.80 2.93 -21.73
C ILE B 176 7.71 2.84 -22.78
N PHE B 177 7.15 3.98 -23.18
CA PHE B 177 6.10 3.96 -24.19
C PHE B 177 6.65 3.45 -25.55
N LYS B 178 7.74 4.02 -26.00
CA LYS B 178 8.36 3.60 -27.27
C LYS B 178 8.58 2.12 -27.27
N THR B 179 9.27 1.61 -26.24
CA THR B 179 9.65 0.18 -26.29
C THR B 179 8.50 -0.80 -26.11
N CYS B 180 7.41 -0.33 -25.48
CA CYS B 180 6.20 -1.15 -25.32
C CYS B 180 5.21 -0.88 -26.41
N ARG B 181 5.66 -0.14 -27.43
CA ARG B 181 4.93 0.03 -28.70
C ARG B 181 3.66 0.83 -28.52
N VAL B 182 3.64 1.64 -27.46
CA VAL B 182 2.45 2.42 -27.08
C VAL B 182 2.08 3.45 -28.16
N TYR B 183 3.10 3.97 -28.85
CA TYR B 183 2.89 4.98 -29.87
C TYR B 183 2.33 4.38 -31.18
N GLU B 184 2.42 3.07 -31.36
CA GLU B 184 1.93 2.49 -32.62
C GLU B 184 0.42 2.62 -32.78
N ALA B 185 -0.07 2.82 -34.02
CA ALA B 185 -1.50 3.08 -34.20
C ALA B 185 -2.27 1.84 -33.75
N ASP B 186 -1.64 0.68 -33.89
CA ASP B 186 -2.18 -0.54 -33.32
C ASP B 186 -1.10 -1.31 -32.57
N PRO B 187 -0.95 -1.00 -31.26
CA PRO B 187 0.07 -1.62 -30.42
C PRO B 187 -0.07 -3.13 -30.40
N VAL B 188 -1.28 -3.65 -30.52
CA VAL B 188 -1.42 -5.08 -30.35
C VAL B 188 -0.81 -5.80 -31.56
N LYS B 189 -1.06 -5.26 -32.75
CA LYS B 189 -0.52 -5.87 -33.99
C LYS B 189 0.97 -5.64 -34.00
N ALA B 190 1.40 -4.51 -33.44
CA ALA B 190 2.82 -4.19 -33.38
C ALA B 190 3.54 -5.23 -32.50
N TRP B 191 2.92 -5.60 -31.37
CA TRP B 191 3.47 -6.64 -30.53
C TRP B 191 3.43 -8.00 -31.23
N GLU B 192 2.37 -8.26 -32.00
CA GLU B 192 2.24 -9.51 -32.75
C GLU B 192 3.37 -9.64 -33.74
N GLU B 193 3.66 -8.55 -34.43
CA GLU B 193 4.76 -8.48 -35.41
C GLU B 193 6.09 -8.74 -34.72
N HIS B 194 6.32 -8.06 -33.60
CA HIS B 194 7.55 -8.22 -32.81
C HIS B 194 7.69 -9.65 -32.30
N ALA B 195 6.63 -10.19 -31.70
CA ALA B 195 6.67 -11.59 -31.24
C ALA B 195 6.99 -12.56 -32.38
N ALA B 196 6.44 -12.30 -33.55
CA ALA B 196 6.62 -13.15 -34.72
C ALA B 196 8.08 -13.16 -35.21
N ILE B 197 8.72 -12.01 -35.21
CA ILE B 197 10.13 -11.93 -35.57
C ILE B 197 10.99 -12.68 -34.57
N LEU B 198 10.80 -12.42 -33.28
CA LEU B 198 11.59 -13.11 -32.28
C LEU B 198 11.31 -14.59 -32.30
N LYS B 199 10.05 -14.96 -32.51
CA LYS B 199 9.71 -16.40 -32.58
C LYS B 199 10.37 -17.11 -33.78
N SER B 200 10.54 -16.42 -34.92
CA SER B 200 11.28 -17.05 -36.04
C SER B 200 12.66 -17.50 -35.60
N LYS B 201 13.33 -16.63 -34.83
CA LYS B 201 14.70 -16.89 -34.39
C LYS B 201 14.72 -18.04 -33.40
N ALA B 202 13.80 -18.01 -32.45
CA ALA B 202 13.79 -19.06 -31.44
C ALA B 202 13.50 -20.41 -32.07
N ASP B 203 12.59 -20.45 -33.03
CA ASP B 203 12.24 -21.68 -33.74
C ASP B 203 13.44 -22.26 -34.49
N MET B 204 14.26 -21.40 -35.03
CA MET B 204 15.47 -21.84 -35.71
C MET B 204 16.45 -22.48 -34.71
N LEU B 205 16.62 -21.84 -33.54
CA LEU B 205 17.53 -22.41 -32.53
C LEU B 205 17.03 -23.72 -31.99
N ASN B 206 15.70 -23.84 -31.88
CA ASN B 206 15.06 -25.08 -31.45
C ASN B 206 15.29 -26.23 -32.45
N LYS B 207 15.31 -25.93 -33.75
CA LYS B 207 15.73 -26.95 -34.76
C LYS B 207 17.17 -27.42 -34.56
N GLU B 208 18.07 -26.48 -34.26
CA GLU B 208 19.49 -26.84 -34.10
C GLU B 208 19.74 -27.82 -32.96
N GLN B 209 19.12 -27.59 -31.81
CA GLN B 209 19.42 -28.36 -30.64
C GLN B 209 20.93 -28.46 -30.46
N PHE B 210 21.62 -27.32 -30.38
CA PHE B 210 23.02 -27.38 -30.03
C PHE B 210 23.33 -28.15 -28.74
N SER B 211 24.53 -28.71 -28.68
CA SER B 211 25.06 -29.35 -27.47
C SER B 211 25.53 -28.37 -26.39
N ALA B 212 26.02 -27.23 -26.84
CA ALA B 212 26.58 -26.27 -25.93
C ALA B 212 26.76 -24.96 -26.69
N LEU B 213 27.06 -23.89 -25.93
CA LEU B 213 27.28 -22.59 -26.53
C LEU B 213 28.64 -22.13 -26.06
N HIS B 214 29.41 -21.45 -26.94
CA HIS B 214 30.71 -20.95 -26.53
C HIS B 214 30.76 -19.43 -26.76
N TYR B 215 30.89 -18.66 -25.68
CA TYR B 215 30.87 -17.18 -25.74
C TYR B 215 32.30 -16.66 -25.59
N THR B 216 32.68 -15.73 -26.46
CA THR B 216 34.00 -15.12 -26.40
C THR B 216 33.87 -13.59 -26.51
N ALA B 217 34.55 -12.88 -25.61
CA ALA B 217 34.68 -11.43 -25.68
C ALA B 217 35.79 -11.02 -24.73
N PRO B 218 36.20 -9.73 -24.77
CA PRO B 218 37.17 -9.31 -23.78
C PRO B 218 36.75 -9.69 -22.33
N GLY B 219 35.62 -9.44 -21.80
CA GLY B 219 35.92 -10.20 -20.43
C GLY B 219 35.69 -11.74 -20.23
N THR B 220 35.64 -12.52 -21.31
CA THR B 220 34.72 -13.68 -21.36
C THR B 220 35.22 -14.81 -22.28
N ASP B 221 35.28 -16.00 -21.72
CA ASP B 221 35.46 -17.26 -22.46
C ASP B 221 34.75 -18.34 -21.67
N LEU B 222 33.54 -18.65 -22.09
CA LEU B 222 32.65 -19.39 -21.23
C LEU B 222 31.95 -20.37 -22.14
N THR B 223 31.90 -21.62 -21.74
CA THR B 223 31.14 -22.61 -22.51
C THR B 223 30.05 -23.17 -21.65
N LEU B 224 28.82 -23.19 -22.16
CA LEU B 224 27.68 -23.69 -21.43
C LEU B 224 27.10 -24.88 -22.13
N GLY B 225 26.88 -26.00 -21.42
CA GLY B 225 26.12 -27.08 -22.07
C GLY B 225 24.65 -26.73 -22.10
N LEU B 226 23.94 -27.23 -23.13
CA LEU B 226 22.50 -27.06 -23.22
C LEU B 226 21.79 -28.39 -22.97
N PRO B 227 20.73 -28.32 -22.18
CA PRO B 227 19.92 -29.53 -21.88
C PRO B 227 19.41 -30.22 -23.13
N LYS B 228 19.22 -31.55 -23.04
CA LYS B 228 18.56 -32.31 -24.12
C LYS B 228 17.16 -31.78 -24.20
N ASN B 229 16.63 -31.65 -25.40
CA ASN B 229 15.24 -31.22 -25.57
C ASN B 229 14.98 -29.85 -24.97
N HIS B 230 15.94 -28.94 -25.11
CA HIS B 230 15.74 -27.58 -24.56
C HIS B 230 14.81 -26.81 -25.47
N VAL B 231 14.21 -25.76 -24.93
CA VAL B 231 13.33 -24.89 -25.70
C VAL B 231 13.78 -23.44 -25.53
N TRP B 232 14.12 -22.82 -26.66
CA TRP B 232 14.33 -21.39 -26.78
C TRP B 232 12.99 -20.73 -26.87
N GLU B 233 12.78 -19.71 -26.04
CA GLU B 233 11.50 -19.01 -26.05
C GLU B 233 11.73 -17.51 -26.26
N SER B 234 10.67 -16.76 -26.48
CA SER B 234 10.83 -15.30 -26.58
C SER B 234 9.67 -14.53 -25.96
N ALA B 235 9.11 -13.60 -26.71
CA ALA B 235 8.08 -12.67 -26.26
C ALA B 235 6.81 -13.22 -25.55
N GLY B 236 6.01 -14.09 -26.19
CA GLY B 236 4.77 -14.60 -25.55
C GLY B 236 4.89 -15.89 -24.74
N ALA B 237 4.09 -16.04 -23.68
CA ALA B 237 4.00 -17.31 -22.99
C ALA B 237 2.52 -17.76 -22.96
N VAL B 238 2.24 -18.94 -22.44
CA VAL B 238 0.85 -19.44 -22.31
C VAL B 238 0.73 -20.00 -20.92
N ASN B 239 -0.35 -19.65 -20.20
CA ASN B 239 -0.47 -20.13 -18.84
C ASN B 239 -1.18 -21.48 -18.75
N ALA B 240 -1.20 -22.06 -17.55
CA ALA B 240 -1.85 -23.36 -17.30
C ALA B 240 -3.37 -23.34 -17.56
N GLN B 241 -3.93 -22.16 -17.82
CA GLN B 241 -5.34 -22.04 -18.16
C GLN B 241 -5.50 -21.76 -19.66
N GLY B 242 -4.45 -22.01 -20.45
CA GLY B 242 -4.45 -21.80 -21.92
C GLY B 242 -4.40 -20.34 -22.43
N GLU B 243 -4.19 -19.37 -21.54
CA GLU B 243 -4.28 -17.94 -21.96
C GLU B 243 -2.89 -17.38 -22.34
N GLU B 244 -2.83 -16.63 -23.43
CA GLU B 244 -1.58 -16.02 -23.88
C GLU B 244 -1.26 -14.82 -23.02
N PHE B 245 0.03 -14.61 -22.76
CA PHE B 245 0.44 -13.43 -21.99
C PHE B 245 1.90 -13.10 -22.27
N LEU B 246 2.31 -11.90 -21.87
CA LEU B 246 3.67 -11.45 -22.12
C LEU B 246 4.39 -11.28 -20.78
N PRO B 247 5.34 -12.17 -20.46
CA PRO B 247 6.06 -12.05 -19.18
C PRO B 247 6.87 -10.73 -19.00
N ASN B 248 7.35 -10.15 -20.09
CA ASN B 248 8.22 -8.98 -20.00
C ASN B 248 7.80 -7.96 -21.05
N MET B 249 7.54 -6.74 -20.59
CA MET B 249 7.26 -5.65 -21.53
C MET B 249 8.09 -4.44 -21.07
N PRO B 250 9.07 -4.04 -21.86
CA PRO B 250 9.46 -4.47 -23.20
C PRO B 250 10.18 -5.80 -23.20
N THR B 251 10.44 -6.37 -24.39
CA THR B 251 11.31 -7.55 -24.45
C THR B 251 11.91 -7.60 -25.82
N GLU B 252 13.18 -8.04 -25.90
CA GLU B 252 13.91 -8.17 -27.17
C GLU B 252 14.72 -9.45 -27.26
N GLU B 253 14.52 -10.37 -26.31
CA GLU B 253 15.44 -11.48 -26.15
C GLU B 253 14.86 -12.81 -26.65
N VAL B 254 15.73 -13.74 -26.99
CA VAL B 254 15.30 -15.16 -27.12
C VAL B 254 16.19 -15.86 -26.10
N PHE B 255 15.69 -16.87 -25.38
CA PHE B 255 16.51 -17.43 -24.33
C PHE B 255 16.14 -18.88 -24.11
N THR B 256 17.00 -19.58 -23.40
CA THR B 256 16.67 -20.91 -22.91
C THR B 256 17.41 -21.15 -21.60
N ALA B 257 17.41 -22.38 -21.09
CA ALA B 257 18.20 -22.66 -19.93
C ALA B 257 19.41 -23.50 -20.32
N PRO B 258 20.58 -23.19 -19.76
CA PRO B 258 21.74 -24.08 -19.93
C PRO B 258 21.57 -25.26 -18.97
N ASP B 259 22.32 -26.33 -19.20
CA ASP B 259 22.33 -27.44 -18.27
C ASP B 259 23.11 -26.96 -17.08
N PHE B 260 22.50 -26.95 -15.90
CA PHE B 260 23.12 -26.26 -14.77
C PHE B 260 24.38 -27.01 -14.35
N ARG B 261 24.54 -28.24 -14.84
CA ARG B 261 25.76 -29.01 -14.51
C ARG B 261 26.96 -28.76 -15.46
N ARG B 262 26.76 -28.06 -16.59
CA ARG B 262 27.84 -27.90 -17.56
C ARG B 262 28.15 -26.44 -17.82
N ALA B 263 29.16 -25.92 -17.14
CA ALA B 263 29.61 -24.53 -17.39
C ALA B 263 31.05 -24.50 -17.01
N ASP B 264 31.85 -23.99 -17.93
CA ASP B 264 33.25 -23.84 -17.65
C ASP B 264 33.80 -22.57 -18.26
N GLY B 265 34.60 -21.83 -17.50
CA GLY B 265 35.28 -20.64 -18.01
C GLY B 265 34.97 -19.42 -17.13
N TYR B 266 34.97 -18.26 -17.75
CA TYR B 266 34.85 -17.03 -16.97
C TYR B 266 34.04 -16.03 -17.80
N VAL B 267 33.35 -15.11 -17.13
CA VAL B 267 32.55 -14.17 -17.89
C VAL B 267 32.49 -12.85 -17.10
N THR B 268 32.49 -11.75 -17.84
CA THR B 268 32.48 -10.41 -17.32
C THR B 268 31.18 -9.67 -17.70
N SER B 269 30.56 -9.03 -16.70
CA SER B 269 29.38 -8.23 -16.96
C SER B 269 29.77 -7.00 -17.74
N THR B 270 28.80 -6.49 -18.45
CA THR B 270 29.05 -5.49 -19.44
C THR B 270 28.05 -4.30 -19.24
N LYS B 271 27.15 -4.44 -18.24
CA LYS B 271 26.24 -3.36 -17.83
C LYS B 271 26.28 -3.37 -16.31
N PRO B 272 26.04 -2.22 -15.68
CA PRO B 272 25.87 -2.24 -14.24
C PRO B 272 24.61 -3.02 -13.88
N LEU B 273 24.51 -3.45 -12.65
CA LEU B 273 23.35 -4.24 -12.28
C LEU B 273 22.77 -3.64 -10.98
N SER B 274 21.45 -3.55 -10.86
CA SER B 274 20.80 -3.21 -9.59
C SER B 274 20.33 -4.48 -8.94
N TYR B 275 20.96 -4.85 -7.86
CA TYR B 275 20.58 -6.04 -7.11
C TYR B 275 20.48 -5.67 -5.62
N ASN B 276 19.39 -6.06 -4.95
CA ASN B 276 19.19 -5.70 -3.54
C ASN B 276 19.34 -4.20 -3.34
N GLY B 277 18.83 -3.44 -4.31
CA GLY B 277 18.82 -2.00 -4.23
C GLY B 277 20.17 -1.37 -4.15
N ASN B 278 21.19 -2.05 -4.66
CA ASN B 278 22.54 -1.50 -4.78
C ASN B 278 22.98 -1.65 -6.22
N ILE B 279 23.78 -0.71 -6.69
CA ILE B 279 24.33 -0.82 -8.01
C ILE B 279 25.68 -1.60 -8.00
N ILE B 280 25.68 -2.71 -8.73
CA ILE B 280 26.83 -3.57 -8.85
C ILE B 280 27.54 -3.31 -10.18
N GLU B 281 28.86 -3.13 -10.15
CA GLU B 281 29.65 -2.85 -11.35
C GLU B 281 30.84 -3.80 -11.48
N GLY B 282 31.17 -4.14 -12.72
CA GLY B 282 32.33 -4.99 -13.08
C GLY B 282 32.32 -6.36 -12.42
N ILE B 283 31.27 -7.12 -12.68
CA ILE B 283 31.14 -8.47 -12.13
C ILE B 283 32.02 -9.44 -12.96
N LYS B 284 32.81 -10.29 -12.32
CA LYS B 284 33.46 -11.36 -13.01
C LYS B 284 33.11 -12.67 -12.31
N VAL B 285 32.62 -13.64 -13.06
CA VAL B 285 32.21 -14.93 -12.54
C VAL B 285 33.06 -16.07 -13.17
N THR B 286 33.50 -17.00 -12.32
CA THR B 286 34.29 -18.13 -12.80
C THR B 286 33.54 -19.40 -12.49
N PHE B 287 33.48 -20.28 -13.49
CA PHE B 287 32.73 -21.53 -13.41
C PHE B 287 33.65 -22.73 -13.66
N LYS B 288 33.40 -23.81 -12.92
CA LYS B 288 34.11 -25.08 -13.08
C LYS B 288 33.08 -26.16 -12.82
N ASP B 289 32.91 -27.08 -13.77
CA ASP B 289 31.98 -28.18 -13.62
C ASP B 289 30.62 -27.69 -13.25
N GLY B 290 30.16 -26.67 -13.96
CA GLY B 290 28.80 -26.20 -13.76
C GLY B 290 28.55 -25.18 -12.65
N GLN B 291 29.51 -25.02 -11.74
CA GLN B 291 29.27 -24.21 -10.54
C GLN B 291 30.14 -22.95 -10.45
N ILE B 292 29.59 -21.90 -9.88
CA ILE B 292 30.37 -20.70 -9.68
C ILE B 292 31.35 -21.01 -8.59
N VAL B 293 32.61 -20.78 -8.91
CA VAL B 293 33.69 -21.09 -8.02
C VAL B 293 34.25 -19.77 -7.46
N ASP B 294 33.90 -18.65 -8.08
CA ASP B 294 34.38 -17.35 -7.62
C ASP B 294 33.52 -16.29 -8.29
N ILE B 295 33.14 -15.27 -7.53
CA ILE B 295 32.46 -14.11 -8.09
C ILE B 295 32.99 -12.86 -7.40
N THR B 296 33.43 -11.90 -8.18
CA THR B 296 33.91 -10.64 -7.63
C THR B 296 33.19 -9.50 -8.36
N ALA B 297 33.23 -8.30 -7.79
CA ALA B 297 32.71 -7.11 -8.46
C ALA B 297 33.58 -5.93 -8.06
N GLU B 298 33.90 -5.01 -8.98
CA GLU B 298 34.65 -3.79 -8.64
C GLU B 298 33.87 -2.97 -7.66
N LYS B 299 32.54 -3.00 -7.77
CA LYS B 299 31.66 -2.38 -6.79
C LYS B 299 30.53 -3.34 -6.45
N GLY B 300 30.37 -3.63 -5.18
CA GLY B 300 29.25 -4.45 -4.70
C GLY B 300 29.70 -5.90 -4.61
N ASP B 301 30.99 -6.07 -4.35
CA ASP B 301 31.58 -7.40 -4.28
C ASP B 301 30.86 -8.30 -3.23
N GLN B 302 30.74 -7.80 -1.99
CA GLN B 302 30.13 -8.59 -0.93
C GLN B 302 28.68 -8.94 -1.26
N VAL B 303 27.94 -7.98 -1.79
CA VAL B 303 26.53 -8.23 -2.08
C VAL B 303 26.39 -9.41 -3.04
N MET B 304 27.29 -9.47 -4.02
CA MET B 304 27.24 -10.54 -5.05
C MET B 304 27.70 -11.89 -4.48
N LYS B 305 28.70 -11.89 -3.64
CA LYS B 305 29.13 -13.13 -2.98
C LYS B 305 27.95 -13.65 -2.15
N ASP B 306 27.34 -12.77 -1.36
CA ASP B 306 26.26 -13.17 -0.51
C ASP B 306 25.13 -13.79 -1.34
N LEU B 307 24.76 -13.18 -2.46
CA LEU B 307 23.75 -13.78 -3.33
C LEU B 307 24.12 -15.24 -3.70
N VAL B 308 25.34 -15.42 -4.19
CA VAL B 308 25.76 -16.69 -4.81
C VAL B 308 25.95 -17.78 -3.74
N PHE B 309 26.55 -17.40 -2.62
CA PHE B 309 26.88 -18.41 -1.60
C PHE B 309 25.89 -18.62 -0.46
N GLU B 310 24.86 -17.79 -0.35
CA GLU B 310 23.90 -18.00 0.74
C GLU B 310 22.54 -18.52 0.32
N ASN B 311 22.28 -18.65 -0.98
CA ASN B 311 20.97 -18.98 -1.45
C ASN B 311 20.96 -20.30 -2.21
N ALA B 312 19.94 -21.12 -2.00
CA ALA B 312 19.91 -22.44 -2.62
C ALA B 312 19.94 -22.33 -4.14
N GLY B 313 20.85 -23.04 -4.78
CA GLY B 313 20.89 -23.15 -6.23
C GLY B 313 21.60 -21.99 -6.91
N ALA B 314 22.09 -21.03 -6.12
CA ALA B 314 22.56 -19.77 -6.66
C ALA B 314 24.00 -19.87 -7.11
N ARG B 315 24.55 -21.09 -7.13
CA ARG B 315 25.92 -21.31 -7.67
C ARG B 315 25.91 -21.81 -9.11
N ALA B 316 24.74 -21.86 -9.71
CA ALA B 316 24.61 -22.31 -11.08
C ALA B 316 23.63 -21.41 -11.88
N LEU B 317 23.57 -21.57 -13.20
CA LEU B 317 22.81 -20.67 -14.07
C LEU B 317 21.50 -21.32 -14.45
N GLY B 318 20.47 -20.47 -14.65
CA GLY B 318 19.14 -20.91 -14.95
C GLY B 318 18.64 -20.40 -16.28
N GLU B 319 19.40 -19.48 -16.90
CA GLU B 319 19.02 -18.87 -18.15
C GLU B 319 20.21 -18.39 -18.95
N CYS B 320 20.18 -18.58 -20.28
CA CYS B 320 21.12 -17.90 -21.19
C CYS B 320 20.28 -17.25 -22.30
N ALA B 321 20.41 -15.91 -22.45
CA ALA B 321 19.57 -15.16 -23.36
C ALA B 321 20.40 -14.39 -24.39
N LEU B 322 19.85 -14.21 -25.59
CA LEU B 322 20.62 -13.57 -26.67
C LEU B 322 19.80 -12.38 -27.14
N VAL B 323 20.43 -11.22 -27.19
CA VAL B 323 19.82 -9.97 -27.70
C VAL B 323 20.88 -9.32 -28.60
N PRO B 324 20.56 -9.02 -29.87
CA PRO B 324 21.57 -8.45 -30.78
C PRO B 324 21.96 -7.05 -30.37
N ASP B 325 23.27 -6.74 -30.47
CA ASP B 325 23.74 -5.44 -30.06
C ASP B 325 23.10 -4.29 -30.87
N PRO B 326 22.76 -4.55 -32.15
CA PRO B 326 22.06 -3.50 -32.97
C PRO B 326 20.57 -3.29 -32.67
N SER B 327 19.97 -4.12 -31.83
CA SER B 327 18.54 -3.96 -31.51
C SER B 327 18.25 -2.61 -30.80
N PRO B 328 16.98 -2.17 -30.83
CA PRO B 328 16.63 -0.77 -30.52
C PRO B 328 17.10 -0.23 -29.16
N ILE B 329 16.87 -0.98 -28.08
CA ILE B 329 17.18 -0.46 -26.76
C ILE B 329 18.71 -0.34 -26.62
N SER B 330 19.41 -1.38 -27.04
CA SER B 330 20.87 -1.31 -27.11
C SER B 330 21.35 -0.12 -27.94
N GLN B 331 20.76 0.04 -29.12
CA GLN B 331 21.22 1.07 -30.07
C GLN B 331 20.90 2.45 -29.52
N SER B 332 19.95 2.54 -28.59
CA SER B 332 19.68 3.84 -27.98
C SER B 332 20.89 4.41 -27.24
N GLY B 333 21.79 3.56 -26.72
CA GLY B 333 22.96 4.03 -26.03
C GLY B 333 22.64 4.31 -24.59
N ILE B 334 21.39 4.12 -24.20
CA ILE B 334 21.00 4.48 -22.84
C ILE B 334 21.24 3.28 -21.93
N THR B 335 21.95 3.52 -20.81
CA THR B 335 22.04 2.55 -19.71
C THR B 335 20.94 2.81 -18.67
N PHE B 336 20.10 1.82 -18.46
CA PHE B 336 18.95 2.02 -17.57
C PHE B 336 19.17 1.70 -16.09
N PHE B 337 20.25 0.99 -15.76
CA PHE B 337 20.46 0.49 -14.37
C PHE B 337 19.20 -0.24 -13.88
N ASN B 338 18.61 -1.05 -14.76
CA ASN B 338 17.29 -1.66 -14.46
C ASN B 338 17.35 -2.97 -15.24
N THR B 339 17.09 -4.09 -14.56
CA THR B 339 17.21 -5.39 -15.23
C THR B 339 16.29 -5.56 -16.43
N LEU B 340 15.01 -5.20 -16.28
CA LEU B 340 14.02 -5.35 -17.39
C LEU B 340 14.50 -4.67 -18.66
N PHE B 341 14.97 -3.43 -18.49
CA PHE B 341 15.45 -2.66 -19.65
C PHE B 341 16.83 -3.09 -20.15
N ASP B 342 17.78 -3.20 -19.24
CA ASP B 342 19.12 -3.59 -19.65
C ASP B 342 19.18 -5.05 -20.18
N ASP B 343 18.36 -5.95 -19.63
CA ASP B 343 18.28 -7.35 -20.16
C ASP B 343 17.96 -7.30 -21.63
N ASN B 344 17.17 -6.31 -21.96
CA ASN B 344 16.72 -6.21 -23.30
C ASN B 344 17.57 -5.28 -24.16
N ALA B 345 18.72 -4.94 -23.62
CA ALA B 345 19.78 -4.37 -24.46
C ALA B 345 21.01 -5.27 -24.66
N SER B 346 21.02 -6.47 -24.09
CA SER B 346 22.31 -7.20 -24.02
C SER B 346 22.08 -8.66 -23.71
N ASN B 347 22.94 -9.55 -24.26
CA ASN B 347 22.90 -10.94 -23.86
C ASN B 347 22.95 -10.98 -22.33
N HIS B 348 22.24 -11.92 -21.71
CA HIS B 348 22.30 -11.99 -20.26
C HIS B 348 22.30 -13.45 -19.81
N LEU B 349 22.69 -13.65 -18.56
CA LEU B 349 22.70 -14.97 -17.93
C LEU B 349 21.99 -14.78 -16.60
N ALA B 350 21.25 -15.77 -16.17
CA ALA B 350 20.67 -15.65 -14.84
C ALA B 350 21.30 -16.63 -13.86
N ILE B 351 21.76 -16.10 -12.73
CA ILE B 351 22.08 -16.87 -11.54
C ILE B 351 20.78 -17.39 -10.94
N GLY B 352 20.74 -18.70 -10.69
CA GLY B 352 19.57 -19.31 -10.03
C GLY B 352 18.65 -20.05 -10.97
N ALA B 353 17.35 -19.79 -10.86
CA ALA B 353 16.29 -20.66 -11.35
C ALA B 353 15.97 -20.65 -12.85
N ALA B 354 15.94 -21.84 -13.45
CA ALA B 354 15.52 -21.94 -14.83
C ALA B 354 14.03 -21.82 -14.84
N TYR B 355 13.45 -21.26 -15.91
CA TYR B 355 12.04 -21.38 -16.21
C TYR B 355 11.69 -22.80 -16.67
N ALA B 356 10.59 -23.36 -16.16
CA ALA B 356 10.29 -24.76 -16.44
C ALA B 356 9.99 -24.93 -17.91
N THR B 357 9.60 -23.87 -18.59
CA THR B 357 9.27 -24.06 -19.99
C THR B 357 10.53 -24.08 -20.89
N SER B 358 11.72 -23.99 -20.30
CA SER B 358 12.96 -24.12 -21.07
C SER B 358 13.36 -25.55 -21.49
N VAL B 359 12.55 -26.56 -21.14
CA VAL B 359 12.76 -27.94 -21.60
C VAL B 359 11.41 -28.45 -22.06
N VAL B 360 11.41 -29.27 -23.10
CA VAL B 360 10.14 -29.72 -23.67
C VAL B 360 9.31 -30.33 -22.54
N ASP B 361 8.02 -30.01 -22.49
CA ASP B 361 7.12 -30.52 -21.45
C ASP B 361 7.51 -30.10 -20.04
N GLY B 362 8.28 -29.03 -19.91
CA GLY B 362 8.80 -28.72 -18.57
C GLY B 362 7.66 -28.29 -17.65
N ALA B 363 6.63 -27.72 -18.25
CA ALA B 363 5.49 -27.17 -17.51
C ALA B 363 4.77 -28.26 -16.72
N GLU B 364 5.11 -29.52 -17.00
CA GLU B 364 4.42 -30.70 -16.43
C GLU B 364 5.33 -31.44 -15.49
N MET B 365 6.60 -31.09 -15.48
CA MET B 365 7.53 -31.84 -14.68
C MET B 365 7.46 -31.47 -13.22
N SER B 366 7.60 -32.50 -12.39
CA SER B 366 7.92 -32.33 -10.99
C SER B 366 9.19 -31.52 -10.89
N GLU B 367 9.55 -31.08 -9.68
CA GLU B 367 10.83 -30.40 -9.47
C GLU B 367 11.99 -31.36 -9.67
N GLU B 368 11.75 -32.61 -9.27
CA GLU B 368 12.74 -33.65 -9.45
C GLU B 368 13.01 -33.83 -10.94
N GLU B 369 11.95 -33.88 -11.74
CA GLU B 369 12.13 -34.13 -13.15
C GLU B 369 12.89 -32.95 -13.81
N LEU B 370 12.56 -31.72 -13.43
CA LEU B 370 13.29 -30.54 -13.98
C LEU B 370 14.78 -30.59 -13.68
N GLU B 371 15.14 -30.96 -12.46
CA GLU B 371 16.54 -30.96 -12.08
C GLU B 371 17.24 -32.11 -12.82
N ALA B 372 16.55 -33.25 -12.91
CA ALA B 372 17.05 -34.36 -13.72
C ALA B 372 17.33 -33.90 -15.15
N ALA B 373 16.42 -33.11 -15.72
CA ALA B 373 16.57 -32.64 -17.11
C ALA B 373 17.63 -31.56 -17.27
N GLY B 374 18.27 -31.15 -16.20
CA GLY B 374 19.33 -30.13 -16.29
C GLY B 374 18.93 -28.68 -16.02
N LEU B 375 17.70 -28.45 -15.57
CA LEU B 375 17.23 -27.09 -15.27
C LEU B 375 17.44 -26.76 -13.81
N ASN B 376 18.33 -25.82 -13.55
CA ASN B 376 18.66 -25.40 -12.18
C ASN B 376 17.44 -25.10 -11.33
N ARG B 377 17.45 -25.58 -10.09
CA ARG B 377 16.41 -25.30 -9.11
C ARG B 377 17.05 -24.33 -8.13
N SER B 378 16.41 -23.17 -7.88
CA SER B 378 17.01 -22.19 -7.01
C SER B 378 15.94 -21.30 -6.38
N ASP B 379 16.29 -20.64 -5.30
CA ASP B 379 15.32 -19.74 -4.70
C ASP B 379 15.45 -18.27 -5.20
N VAL B 380 16.42 -18.01 -6.05
CA VAL B 380 16.58 -16.69 -6.69
C VAL B 380 16.65 -16.86 -8.20
N HIS B 381 16.60 -15.73 -8.94
CA HIS B 381 16.83 -15.68 -10.38
C HIS B 381 17.38 -14.29 -10.59
N VAL B 382 18.67 -14.18 -10.87
CA VAL B 382 19.28 -12.84 -10.96
C VAL B 382 20.06 -12.73 -12.25
N ASP B 383 19.51 -11.99 -13.20
CA ASP B 383 20.10 -11.79 -14.49
C ASP B 383 21.23 -10.78 -14.38
N PHE B 384 22.28 -11.03 -15.12
CA PHE B 384 23.30 -10.01 -15.35
C PHE B 384 23.71 -9.99 -16.84
N MET B 385 24.22 -8.84 -17.32
CA MET B 385 24.37 -8.63 -18.73
C MET B 385 25.82 -8.77 -19.15
N ILE B 386 26.05 -9.46 -20.28
CA ILE B 386 27.40 -9.82 -20.71
C ILE B 386 27.70 -9.45 -22.16
N GLY B 387 26.66 -8.94 -22.83
CA GLY B 387 26.68 -8.66 -24.28
C GLY B 387 27.45 -7.38 -24.60
N SER B 388 27.93 -7.27 -25.82
CA SER B 388 28.64 -6.05 -26.25
C SER B 388 28.73 -6.05 -27.77
N ASN B 389 29.31 -4.98 -28.32
CA ASN B 389 29.47 -4.95 -29.76
C ASN B 389 30.64 -5.81 -30.28
N GLN B 390 31.27 -6.53 -29.36
CA GLN B 390 32.39 -7.38 -29.73
C GLN B 390 32.13 -8.88 -29.46
N MET B 391 31.04 -9.23 -28.83
CA MET B 391 30.90 -10.62 -28.42
C MET B 391 30.65 -11.60 -29.59
N ASP B 392 31.40 -12.70 -29.60
CA ASP B 392 31.09 -13.83 -30.52
C ASP B 392 30.51 -14.99 -29.71
N ILE B 393 29.61 -15.71 -30.36
CA ILE B 393 29.01 -16.92 -29.80
C ILE B 393 28.94 -17.94 -30.93
N ASP B 394 29.40 -19.16 -30.64
CA ASP B 394 29.21 -20.31 -31.56
C ASP B 394 28.25 -21.29 -30.90
N GLY B 395 27.38 -21.91 -31.68
CA GLY B 395 26.66 -23.09 -31.17
C GLY B 395 27.54 -24.30 -31.49
N ILE B 396 27.63 -25.25 -30.57
CA ILE B 396 28.39 -26.44 -30.85
C ILE B 396 27.43 -27.57 -31.23
N ARG B 397 27.59 -28.11 -32.43
CA ARG B 397 26.75 -29.25 -32.86
C ARG B 397 27.22 -30.60 -32.30
N GLU B 398 26.31 -31.59 -32.35
CA GLU B 398 26.62 -32.97 -31.86
C GLU B 398 27.74 -33.63 -32.68
N ASP B 399 28.07 -33.08 -33.86
CA ASP B 399 29.24 -33.59 -34.56
C ASP B 399 30.50 -32.75 -34.37
N GLY B 400 30.50 -31.83 -33.40
CA GLY B 400 31.71 -31.00 -33.12
C GLY B 400 31.82 -29.71 -33.95
N THR B 401 30.91 -29.53 -34.89
CA THR B 401 30.90 -28.36 -35.75
C THR B 401 30.63 -27.12 -34.89
N ARG B 402 31.44 -26.09 -35.03
CA ARG B 402 31.10 -24.81 -34.41
C ARG B 402 30.34 -23.93 -35.41
N VAL B 403 29.11 -23.54 -35.09
CA VAL B 403 28.31 -22.75 -36.00
C VAL B 403 28.30 -21.30 -35.47
N PRO B 404 28.72 -20.32 -36.30
CA PRO B 404 28.60 -18.96 -35.78
C PRO B 404 27.14 -18.66 -35.47
N LEU B 405 26.88 -18.10 -34.28
CA LEU B 405 25.56 -17.46 -34.01
C LEU B 405 25.66 -15.96 -33.84
N PHE B 406 26.63 -15.48 -33.04
CA PHE B 406 26.89 -14.04 -32.96
C PHE B 406 28.33 -13.79 -33.44
N ARG B 407 28.52 -12.72 -34.20
CA ARG B 407 29.85 -12.20 -34.54
C ARG B 407 29.74 -10.70 -34.32
N ASN B 408 30.70 -10.15 -33.59
CA ASN B 408 30.68 -8.69 -33.28
C ASN B 408 29.34 -8.21 -32.74
N GLY B 409 28.79 -9.00 -31.82
CA GLY B 409 27.56 -8.66 -31.09
C GLY B 409 26.25 -8.81 -31.84
N ASN B 410 26.28 -9.44 -33.03
CA ASN B 410 25.07 -9.57 -33.88
C ASN B 410 24.92 -10.97 -34.48
N TRP B 411 23.69 -11.35 -34.80
CA TRP B 411 23.43 -12.62 -35.47
C TRP B 411 24.28 -12.61 -36.71
N ALA B 412 24.95 -13.71 -37.00
CA ALA B 412 25.82 -13.73 -38.15
C ALA B 412 25.87 -15.19 -38.60
N ASN B 413 26.29 -15.46 -39.83
CA ASN B 413 26.63 -16.84 -40.22
C ASN B 413 28.16 -16.97 -40.46
ZN ZN C . -16.96 9.27 18.49
ZN ZN D . -15.99 12.41 20.40
N TRP E . -14.26 11.10 21.17
CA TRP E . -13.45 10.60 20.01
C TRP E . -14.28 9.82 19.01
O TRP E . -14.93 8.87 19.39
CB TRP E . -12.46 9.51 20.42
CG TRP E . -11.69 9.57 21.63
CD1 TRP E . -11.38 8.52 22.46
CD2 TRP E . -11.03 10.70 22.15
NE1 TRP E . -10.58 8.94 23.49
CE2 TRP E . -10.36 10.28 23.33
CE3 TRP E . -10.98 12.03 21.78
CZ2 TRP E . -9.65 11.15 24.11
CZ3 TRP E . -10.24 12.88 22.56
CH2 TRP E . -9.58 12.44 23.70
N GLY F . -14.13 10.04 17.71
CA GLY F . -13.01 10.74 17.15
C GLY F . -12.43 9.75 16.16
O GLY F . -11.76 8.76 16.62
OXT GLY F . -12.70 9.96 14.95
ZN ZN G . 16.06 -13.80 -16.46
ZN ZN H . 15.80 -13.13 -20.18
N TRP I . 13.82 -13.98 -19.91
CA TRP I . 13.24 -13.10 -18.84
C TRP I . 13.78 -13.12 -17.39
O TRP I . 13.97 -14.13 -16.82
CB TRP I . 11.77 -13.32 -18.67
CG TRP I . 11.06 -14.38 -19.23
CD1 TRP I . 10.66 -15.56 -18.61
CD2 TRP I . 10.40 -14.33 -20.46
NE1 TRP I . 9.83 -16.26 -19.46
CE2 TRP I . 9.68 -15.52 -20.60
CE3 TRP I . 10.41 -13.42 -21.49
CZ2 TRP I . 8.95 -15.81 -21.75
CZ3 TRP I . 9.71 -13.68 -22.57
CH2 TRP I . 8.97 -14.88 -22.70
N GLY J . 13.81 -12.00 -16.72
CA GLY J . 13.11 -10.82 -17.11
C GLY J . 12.43 -10.41 -15.83
O GLY J . 11.41 -11.13 -15.47
OXT GLY J . 12.93 -9.38 -15.24
#